data_1O2D
#
_entry.id   1O2D
#
_cell.length_a   58.047
_cell.length_b   85.283
_cell.length_c   72.080
_cell.angle_alpha   90.00
_cell.angle_beta   96.29
_cell.angle_gamma   90.00
#
_symmetry.space_group_name_H-M   'P 1 21 1'
#
loop_
_entity.id
_entity.type
_entity.pdbx_description
1 polymer 'Alcohol dehydrogenase, iron-containing'
2 non-polymer 'FE (III) ION'
3 non-polymer 'NADP NICOTINAMIDE-ADENINE-DINUCLEOTIDE PHOSPHATE'
4 non-polymer 2-AMINO-2-HYDROXYMETHYL-PROPANE-1,3-DIOL
5 water water
#
_entity_poly.entity_id   1
_entity_poly.type   'polypeptide(L)'
_entity_poly.pdbx_seq_one_letter_code
;MGSDKIHHHHHHVWEFY(MSE)PTDVFFGEKILEKRGNIIDLLGKRALVVTGKSSSKKNGSLDDLKKLLDETEISYEIFD
EVEENPSFDNV(MSE)KAVERYRNDSFDFVVGLGGGSP(MSE)DFAKAVAVLLKEKDLSVEDLYDREKVKHWLPVVEIPT
TAGTGSEVTPYSILTDPEGNKRGCTL(MSE)FPVYAFLDPRYTYS(MSE)SDELTLSTGVDALSHAVEGYLSRKSTPPSD
ALAIEA(MSE)KIIHRNLPKAIEGNREARKK(MSE)FVASCLAG(MSE)VIAQTGTTLAHALGYPLTTEKGIKHGKATG
(MSE)VLPFV(MSE)EV(MSE)KEEIPEKVDTVNHIFGGSLLKFLKELGLYEKVAVSSEELEKWVEKGSRAKHLKNTPGT
FTPEKIRNIYREALGV
;
_entity_poly.pdbx_strand_id   A,B
#
loop_
_chem_comp.id
_chem_comp.type
_chem_comp.name
_chem_comp.formula
FE non-polymer 'FE (III) ION' 'Fe 3'
NAP non-polymer 'NADP NICOTINAMIDE-ADENINE-DINUCLEOTIDE PHOSPHATE' 'C21 H28 N7 O17 P3'
TRS non-polymer 2-AMINO-2-HYDROXYMETHYL-PROPANE-1,3-DIOL 'C4 H12 N O3 1'
#
# COMPACT_ATOMS: atom_id res chain seq x y z
N VAL A 13 12.11 10.76 11.20
CA VAL A 13 10.83 11.48 10.93
C VAL A 13 9.82 11.18 12.04
N TRP A 14 9.06 12.19 12.44
CA TRP A 14 7.85 11.92 13.20
C TRP A 14 6.65 12.60 12.55
N GLU A 15 5.48 12.08 12.89
CA GLU A 15 4.19 12.55 12.40
C GLU A 15 3.24 12.73 13.56
N PHE A 16 2.43 13.79 13.51
CA PHE A 16 1.28 13.91 14.38
C PHE A 16 0.02 13.95 13.55
N TYR A 17 -0.91 13.07 13.87
CA TYR A 17 -2.20 13.08 13.23
C TYR A 17 -3.22 12.56 14.23
N MSE A 18 -4.18 13.41 14.53
CA MSE A 18 -5.24 13.05 15.45
C MSE A 18 -6.41 13.97 15.10
O MSE A 18 -6.52 15.08 15.65
CB MSE A 18 -4.84 13.23 16.93
CG MSE A 18 -5.54 12.22 17.94
SE MSE A 18 -7.48 12.39 17.85
CE MSE A 18 -7.66 14.15 18.65
N PRO A 19 -7.22 13.59 14.11
CA PRO A 19 -8.22 14.46 13.53
C PRO A 19 -9.59 14.48 14.19
N THR A 20 -9.78 13.68 15.22
CA THR A 20 -11.05 13.64 15.91
C THR A 20 -11.33 14.97 16.58
N ASP A 21 -12.57 15.44 16.47
CA ASP A 21 -13.00 16.66 17.18
C ASP A 21 -13.60 16.20 18.52
N VAL A 22 -12.92 16.56 19.62
CA VAL A 22 -13.17 16.01 20.94
C VAL A 22 -13.85 17.05 21.80
N PHE A 23 -14.95 16.66 22.42
CA PHE A 23 -15.73 17.53 23.28
C PHE A 23 -15.86 16.88 24.65
N PHE A 24 -15.51 17.60 25.70
CA PHE A 24 -15.50 17.09 27.06
C PHE A 24 -16.30 17.99 28.01
N GLY A 25 -17.19 17.40 28.80
CA GLY A 25 -17.85 18.10 29.88
C GLY A 25 -19.13 17.46 30.33
N GLU A 26 -19.61 17.90 31.49
CA GLU A 26 -20.93 17.49 31.91
C GLU A 26 -21.96 17.99 30.92
N LYS A 27 -22.93 17.15 30.61
CA LYS A 27 -23.97 17.46 29.64
C LYS A 27 -23.44 17.80 28.25
N ILE A 28 -22.37 17.12 27.84
CA ILE A 28 -21.74 17.44 26.57
C ILE A 28 -22.62 17.10 25.37
N LEU A 29 -23.47 16.08 25.46
CA LEU A 29 -24.33 15.77 24.33
C LEU A 29 -25.35 16.91 24.12
N GLU A 30 -25.90 17.44 25.20
CA GLU A 30 -26.72 18.65 25.11
C GLU A 30 -25.97 19.83 24.51
N LYS A 31 -24.77 20.06 25.00
CA LYS A 31 -24.07 21.31 24.70
C LYS A 31 -23.33 21.32 23.38
N ARG A 32 -22.89 20.17 22.91
CA ARG A 32 -22.10 20.11 21.68
C ARG A 32 -22.57 19.03 20.72
N GLY A 33 -23.49 18.17 21.14
CA GLY A 33 -23.82 17.00 20.35
C GLY A 33 -24.55 17.29 19.05
N ASN A 34 -25.17 18.46 18.91
CA ASN A 34 -25.94 18.74 17.68
C ASN A 34 -25.09 18.76 16.43
N ILE A 35 -23.78 18.85 16.58
CA ILE A 35 -22.86 18.79 15.43
C ILE A 35 -23.00 17.49 14.65
N ILE A 36 -23.53 16.44 15.27
CA ILE A 36 -23.71 15.20 14.53
C ILE A 36 -24.68 15.33 13.37
N ASP A 37 -25.45 16.40 13.36
CA ASP A 37 -26.40 16.61 12.28
C ASP A 37 -25.71 16.84 10.94
N LEU A 38 -24.42 17.13 11.00
CA LEU A 38 -23.60 17.25 9.79
C LEU A 38 -23.36 15.91 9.11
N LEU A 39 -23.59 14.82 9.82
CA LEU A 39 -23.24 13.49 9.34
C LEU A 39 -24.36 12.78 8.60
N GLY A 40 -25.61 13.20 8.82
CA GLY A 40 -26.73 12.62 8.11
C GLY A 40 -27.97 12.49 8.95
N LYS A 41 -28.91 11.67 8.48
CA LYS A 41 -30.28 11.61 9.00
C LYS A 41 -30.63 10.28 9.60
N ARG A 42 -29.73 9.30 9.52
CA ARG A 42 -30.02 7.96 10.08
C ARG A 42 -28.75 7.37 10.64
N ALA A 43 -28.81 6.86 11.86
CA ALA A 43 -27.64 6.33 12.58
C ALA A 43 -27.87 4.94 13.18
N LEU A 44 -26.81 4.16 13.25
CA LEU A 44 -26.80 2.91 14.00
C LEU A 44 -26.02 3.15 15.30
N VAL A 45 -26.68 2.86 16.41
CA VAL A 45 -26.05 2.91 17.72
C VAL A 45 -25.64 1.50 18.11
N VAL A 46 -24.37 1.34 18.49
CA VAL A 46 -23.93 0.06 19.05
C VAL A 46 -23.47 0.26 20.49
N THR A 47 -23.93 -0.63 21.37
CA THR A 47 -23.68 -0.53 22.78
C THR A 47 -23.72 -1.88 23.46
N GLY A 48 -23.26 -1.95 24.69
CA GLY A 48 -23.36 -3.16 25.47
C GLY A 48 -24.76 -3.42 26.00
N LYS A 49 -24.93 -4.55 26.70
CA LYS A 49 -26.25 -5.01 27.06
C LYS A 49 -26.95 -4.20 28.14
N SER A 50 -26.19 -3.63 29.07
CA SER A 50 -26.82 -3.03 30.26
C SER A 50 -26.31 -1.67 30.73
N SER A 51 -25.00 -1.45 30.71
CA SER A 51 -24.48 -0.31 31.47
C SER A 51 -24.97 1.04 30.97
N SER A 52 -25.15 1.19 29.65
CA SER A 52 -25.54 2.49 29.12
C SER A 52 -26.98 2.84 29.44
N LYS A 53 -27.76 1.85 29.89
CA LYS A 53 -29.10 2.12 30.40
C LYS A 53 -29.14 2.60 31.84
N LYS A 54 -28.04 2.48 32.58
CA LYS A 54 -28.00 2.77 34.00
C LYS A 54 -27.17 3.99 34.40
N ASN A 55 -26.48 4.60 33.45
CA ASN A 55 -25.69 5.80 33.73
C ASN A 55 -26.18 7.05 32.99
N GLY A 56 -27.37 6.96 32.41
CA GLY A 56 -27.97 8.08 31.69
C GLY A 56 -27.54 8.26 30.25
N SER A 57 -26.52 7.53 29.80
CA SER A 57 -25.91 7.82 28.52
C SER A 57 -26.81 7.47 27.34
N LEU A 58 -27.43 6.29 27.37
CA LEU A 58 -28.30 5.92 26.28
C LEU A 58 -29.50 6.87 26.22
N ASP A 59 -30.02 7.26 27.37
CA ASP A 59 -31.13 8.22 27.38
C ASP A 59 -30.71 9.60 26.78
N ASP A 60 -29.52 10.08 27.15
CA ASP A 60 -29.04 11.34 26.62
C ASP A 60 -28.84 11.23 25.11
N LEU A 61 -28.35 10.08 24.65
CA LEU A 61 -28.15 9.88 23.21
C LEU A 61 -29.48 9.85 22.46
N LYS A 62 -30.46 9.14 23.01
CA LYS A 62 -31.79 9.15 22.41
C LYS A 62 -32.38 10.56 22.37
N LYS A 63 -32.14 11.37 23.42
CA LYS A 63 -32.62 12.74 23.43
C LYS A 63 -31.97 13.54 22.31
N LEU A 64 -30.68 13.34 22.10
CA LEU A 64 -29.93 14.04 21.09
C LEU A 64 -30.37 13.66 19.68
N LEU A 65 -30.60 12.38 19.45
CA LEU A 65 -31.04 11.92 18.15
C LEU A 65 -32.45 12.44 17.86
N ASP A 66 -33.31 12.47 18.86
CA ASP A 66 -34.63 13.02 18.69
C ASP A 66 -34.55 14.52 18.38
N GLU A 67 -33.72 15.26 19.11
CA GLU A 67 -33.54 16.70 18.91
C GLU A 67 -33.08 17.04 17.51
N THR A 68 -32.12 16.26 17.01
CA THR A 68 -31.54 16.48 15.69
C THR A 68 -32.36 15.82 14.58
N GLU A 69 -33.42 15.11 14.95
CA GLU A 69 -34.32 14.43 14.02
C GLU A 69 -33.58 13.44 13.13
N ILE A 70 -32.73 12.67 13.81
CA ILE A 70 -31.97 11.59 13.19
C ILE A 70 -32.61 10.27 13.64
N SER A 71 -33.10 9.46 12.69
CA SER A 71 -33.68 8.16 13.03
C SER A 71 -32.55 7.20 13.39
N TYR A 72 -32.89 6.14 14.09
CA TYR A 72 -31.85 5.23 14.54
C TYR A 72 -32.34 3.85 14.83
N GLU A 73 -31.38 2.92 14.86
CA GLU A 73 -31.58 1.62 15.48
C GLU A 73 -30.52 1.43 16.55
N ILE A 74 -30.85 0.66 17.58
CA ILE A 74 -29.93 0.30 18.65
C ILE A 74 -29.61 -1.19 18.62
N PHE A 75 -28.32 -1.47 18.51
CA PHE A 75 -27.78 -2.80 18.72
C PHE A 75 -27.12 -2.80 20.08
N ASP A 76 -27.83 -3.36 21.07
CA ASP A 76 -27.35 -3.37 22.45
C ASP A 76 -26.91 -4.75 22.85
N GLU A 77 -26.15 -5.39 21.95
CA GLU A 77 -25.70 -6.74 22.14
C GLU A 77 -24.23 -6.91 21.93
N VAL A 78 -23.46 -5.84 22.11
CA VAL A 78 -22.03 -5.97 22.04
C VAL A 78 -21.49 -6.63 23.31
N GLU A 79 -20.71 -7.70 23.12
CA GLU A 79 -20.09 -8.40 24.23
C GLU A 79 -18.72 -7.85 24.52
N GLU A 80 -18.25 -8.04 25.77
CA GLU A 80 -16.88 -7.69 26.12
C GLU A 80 -15.90 -8.43 25.22
N ASN A 81 -14.84 -7.76 24.76
CA ASN A 81 -13.85 -8.40 23.89
C ASN A 81 -14.55 -9.00 22.67
N PRO A 82 -15.22 -8.16 21.90
CA PRO A 82 -16.13 -8.66 20.86
C PRO A 82 -15.45 -9.57 19.86
N SER A 83 -16.13 -10.65 19.50
CA SER A 83 -15.58 -11.59 18.55
C SER A 83 -15.94 -11.23 17.11
N PHE A 84 -15.23 -11.84 16.15
CA PHE A 84 -15.60 -11.75 14.74
C PHE A 84 -17.08 -12.13 14.56
N ASP A 85 -17.54 -13.16 15.28
CA ASP A 85 -18.94 -13.59 15.17
C ASP A 85 -19.95 -12.56 15.68
N ASN A 86 -19.61 -11.88 16.77
CA ASN A 86 -20.45 -10.85 17.37
C ASN A 86 -20.59 -9.72 16.32
N VAL A 87 -19.50 -9.36 15.63
CA VAL A 87 -19.50 -8.34 14.56
C VAL A 87 -20.33 -8.77 13.36
N MSE A 88 -20.16 -10.03 12.97
CA MSE A 88 -21.00 -10.64 11.93
C MSE A 88 -22.47 -10.67 12.30
O MSE A 88 -23.32 -10.49 11.45
CB MSE A 88 -20.52 -12.06 11.67
CG MSE A 88 -19.19 -12.14 10.99
SE MSE A 88 -18.62 -14.04 10.80
CE MSE A 88 -16.61 -13.79 10.71
N LYS A 89 -22.81 -10.85 13.57
CA LYS A 89 -24.23 -10.88 13.98
C LYS A 89 -24.89 -9.51 13.69
N ALA A 90 -24.14 -8.44 13.92
CA ALA A 90 -24.64 -7.09 13.65
C ALA A 90 -24.63 -6.73 12.17
N VAL A 91 -23.57 -7.05 11.45
CA VAL A 91 -23.41 -6.59 10.07
C VAL A 91 -24.48 -7.26 9.19
N GLU A 92 -24.71 -8.55 9.43
CA GLU A 92 -25.83 -9.27 8.82
C GLU A 92 -27.21 -8.67 9.14
N ARG A 93 -27.43 -8.28 10.40
CA ARG A 93 -28.69 -7.66 10.81
C ARG A 93 -28.90 -6.29 10.12
N TYR A 94 -27.81 -5.53 9.85
CA TYR A 94 -27.87 -4.11 9.38
C TYR A 94 -27.33 -3.67 7.97
N ARG A 95 -26.74 -4.57 7.18
CA ARG A 95 -26.27 -4.20 5.83
C ARG A 95 -27.41 -3.94 4.87
N ASN A 96 -28.60 -4.41 5.20
CA ASN A 96 -29.76 -4.15 4.34
C ASN A 96 -30.51 -2.88 4.69
N ASP A 97 -29.94 -2.05 5.53
CA ASP A 97 -30.48 -0.73 5.88
C ASP A 97 -29.62 0.33 5.18
N SER A 98 -29.76 1.59 5.59
CA SER A 98 -29.06 2.70 4.99
C SER A 98 -28.73 3.72 6.08
N PHE A 99 -27.68 3.40 6.81
CA PHE A 99 -27.20 4.29 7.86
C PHE A 99 -26.20 5.27 7.27
N ASP A 100 -26.24 6.51 7.76
CA ASP A 100 -25.28 7.52 7.38
C ASP A 100 -24.07 7.53 8.30
N PHE A 101 -24.24 7.11 9.54
CA PHE A 101 -23.14 7.06 10.48
C PHE A 101 -23.42 6.08 11.60
N VAL A 102 -22.38 5.75 12.36
CA VAL A 102 -22.46 4.79 13.45
C VAL A 102 -21.99 5.49 14.72
N VAL A 103 -22.69 5.23 15.82
CA VAL A 103 -22.35 5.73 17.13
C VAL A 103 -22.00 4.58 18.04
N GLY A 104 -20.78 4.59 18.57
CA GLY A 104 -20.38 3.67 19.62
C GLY A 104 -20.58 4.31 20.97
N LEU A 105 -21.30 3.60 21.82
CA LEU A 105 -21.64 4.08 23.17
C LEU A 105 -21.26 3.04 24.20
N GLY A 106 -20.32 3.38 25.06
CA GLY A 106 -19.87 2.47 26.10
C GLY A 106 -18.36 2.48 26.25
N GLY A 107 -17.83 1.34 26.65
CA GLY A 107 -16.40 1.19 26.76
C GLY A 107 -15.77 0.82 25.43
N GLY A 108 -14.54 0.38 25.52
CA GLY A 108 -13.80 0.03 24.32
C GLY A 108 -14.44 -1.06 23.49
N SER A 109 -15.18 -1.97 24.09
CA SER A 109 -15.78 -3.03 23.30
C SER A 109 -16.80 -2.46 22.30
N PRO A 110 -17.84 -1.75 22.73
CA PRO A 110 -18.74 -1.16 21.73
C PRO A 110 -18.10 -0.07 20.88
N MSE A 111 -17.15 0.67 21.42
CA MSE A 111 -16.50 1.67 20.58
C MSE A 111 -15.69 1.06 19.45
O MSE A 111 -15.71 1.57 18.32
CB MSE A 111 -15.63 2.60 21.44
CG MSE A 111 -16.49 3.49 22.34
SE MSE A 111 -15.41 5.01 23.01
CE MSE A 111 -14.55 4.06 24.45
N ASP A 112 -14.98 -0.02 19.75
CA ASP A 112 -14.24 -0.73 18.70
C ASP A 112 -15.20 -1.41 17.71
N PHE A 113 -16.26 -1.98 18.24
CA PHE A 113 -17.30 -2.62 17.43
C PHE A 113 -17.84 -1.61 16.42
N ALA A 114 -18.09 -0.38 16.87
CA ALA A 114 -18.64 0.66 15.97
C ALA A 114 -17.72 0.93 14.78
N LYS A 115 -16.41 0.94 15.01
CA LYS A 115 -15.46 1.19 13.93
C LYS A 115 -15.48 0.06 12.92
N ALA A 116 -15.52 -1.17 13.40
CA ALA A 116 -15.57 -2.31 12.47
C ALA A 116 -16.85 -2.29 11.63
N VAL A 117 -17.98 -2.09 12.30
CA VAL A 117 -19.26 -2.08 11.57
C VAL A 117 -19.31 -0.90 10.60
N ALA A 118 -18.76 0.25 10.96
CA ALA A 118 -18.80 1.40 10.03
C ALA A 118 -18.07 1.12 8.72
N VAL A 119 -17.03 0.30 8.75
CA VAL A 119 -16.35 -0.11 7.54
C VAL A 119 -17.22 -1.14 6.80
N LEU A 120 -17.69 -2.16 7.51
CA LEU A 120 -18.36 -3.28 6.85
C LEU A 120 -19.72 -2.92 6.28
N LEU A 121 -20.42 -1.95 6.89
CA LEU A 121 -21.71 -1.52 6.33
C LEU A 121 -21.55 -0.77 5.02
N LYS A 122 -20.39 -0.14 4.83
CA LYS A 122 -20.09 0.61 3.62
C LYS A 122 -19.49 -0.29 2.53
N GLU A 123 -18.54 -1.14 2.93
CA GLU A 123 -17.84 -2.09 2.08
C GLU A 123 -18.54 -3.45 2.19
N LYS A 124 -19.63 -3.62 1.44
CA LYS A 124 -20.54 -4.76 1.64
C LYS A 124 -19.99 -6.13 1.25
N ASP A 125 -18.92 -6.14 0.46
CA ASP A 125 -18.26 -7.38 0.05
C ASP A 125 -17.08 -7.79 0.91
N LEU A 126 -16.76 -6.99 1.94
CA LEU A 126 -15.65 -7.33 2.83
C LEU A 126 -16.10 -8.28 3.95
N SER A 127 -15.17 -9.15 4.35
CA SER A 127 -15.35 -9.98 5.53
C SER A 127 -14.67 -9.27 6.72
N VAL A 128 -14.89 -9.80 7.91
CA VAL A 128 -14.21 -9.27 9.09
C VAL A 128 -12.70 -9.43 8.95
N GLU A 129 -12.23 -10.57 8.43
CA GLU A 129 -10.81 -10.79 8.29
C GLU A 129 -10.19 -9.74 7.38
N ASP A 130 -10.95 -9.26 6.38
CA ASP A 130 -10.46 -8.25 5.44
C ASP A 130 -10.11 -6.92 6.10
N LEU A 131 -10.70 -6.66 7.26
CA LEU A 131 -10.40 -5.44 8.02
C LEU A 131 -8.93 -5.33 8.41
N TYR A 132 -8.24 -6.48 8.45
CA TYR A 132 -6.83 -6.57 8.81
C TYR A 132 -5.88 -6.34 7.64
N ASP A 133 -6.43 -6.23 6.43
CA ASP A 133 -5.69 -5.85 5.24
C ASP A 133 -5.96 -4.38 4.93
N ARG A 134 -5.00 -3.49 5.24
CA ARG A 134 -5.16 -2.04 5.08
C ARG A 134 -5.59 -1.61 3.68
N GLU A 135 -5.08 -2.30 2.65
CA GLU A 135 -5.43 -2.03 1.26
C GLU A 135 -6.93 -2.20 0.97
N LYS A 136 -7.60 -3.08 1.73
CA LYS A 136 -9.00 -3.40 1.48
C LYS A 136 -9.97 -2.39 2.11
N VAL A 137 -9.49 -1.70 3.16
CA VAL A 137 -10.28 -0.70 3.89
C VAL A 137 -10.08 0.66 3.22
N LYS A 138 -10.90 0.94 2.21
CA LYS A 138 -10.85 2.20 1.48
C LYS A 138 -11.90 3.21 1.97
N HIS A 139 -13.10 2.72 2.26
CA HIS A 139 -14.24 3.58 2.57
C HIS A 139 -14.95 3.14 3.84
N TRP A 140 -15.68 4.07 4.45
CA TRP A 140 -16.38 3.76 5.69
C TRP A 140 -17.41 4.81 5.98
N LEU A 141 -18.40 4.44 6.78
CA LEU A 141 -19.30 5.41 7.37
C LEU A 141 -18.56 6.16 8.48
N PRO A 142 -18.87 7.43 8.67
CA PRO A 142 -18.31 8.16 9.81
C PRO A 142 -18.74 7.55 11.13
N VAL A 143 -17.85 7.66 12.10
CA VAL A 143 -18.10 7.14 13.44
C VAL A 143 -18.05 8.24 14.48
N VAL A 144 -19.00 8.17 15.42
CA VAL A 144 -19.04 9.03 16.59
C VAL A 144 -18.85 8.12 17.78
N GLU A 145 -18.01 8.51 18.73
CA GLU A 145 -17.76 7.71 19.92
C GLU A 145 -18.14 8.45 21.19
N ILE A 146 -18.82 7.73 22.09
CA ILE A 146 -19.28 8.27 23.38
C ILE A 146 -18.80 7.33 24.46
N PRO A 147 -17.59 7.55 24.99
CA PRO A 147 -17.04 6.64 25.98
C PRO A 147 -17.70 6.68 27.34
N THR A 148 -17.68 5.54 28.03
CA THR A 148 -18.21 5.49 29.38
C THR A 148 -17.27 4.84 30.36
N THR A 149 -16.02 4.57 29.97
CA THR A 149 -14.99 4.10 30.90
C THR A 149 -13.75 4.97 30.74
N ALA A 150 -12.89 4.88 31.74
CA ALA A 150 -11.74 5.78 31.87
C ALA A 150 -10.45 5.01 32.12
N GLY A 151 -9.97 4.28 31.12
CA GLY A 151 -10.60 4.10 29.83
C GLY A 151 -9.61 3.66 28.77
N THR A 152 -10.15 3.24 27.65
CA THR A 152 -9.38 2.74 26.52
C THR A 152 -8.88 3.83 25.60
N GLY A 153 -9.49 5.01 25.65
CA GLY A 153 -9.14 6.02 24.67
C GLY A 153 -9.57 5.70 23.25
N SER A 154 -10.44 4.72 23.05
CA SER A 154 -10.84 4.35 21.72
C SER A 154 -11.51 5.49 20.97
N GLU A 155 -12.06 6.45 21.69
CA GLU A 155 -12.74 7.57 21.10
C GLU A 155 -11.80 8.46 20.26
N VAL A 156 -10.49 8.32 20.46
CA VAL A 156 -9.50 9.15 19.76
C VAL A 156 -8.42 8.29 19.08
N THR A 157 -8.74 7.03 18.76
CA THR A 157 -7.79 6.19 18.03
C THR A 157 -8.51 5.58 16.84
N PRO A 158 -7.75 5.11 15.87
CA PRO A 158 -8.34 4.41 14.72
C PRO A 158 -8.39 2.89 14.93
N TYR A 159 -8.06 2.40 16.12
CA TYR A 159 -7.89 0.97 16.31
C TYR A 159 -9.20 0.28 16.69
N SER A 160 -9.31 -1.00 16.32
CA SER A 160 -10.41 -1.86 16.75
C SER A 160 -9.82 -3.21 17.12
N ILE A 161 -10.08 -3.69 18.33
CA ILE A 161 -9.52 -4.98 18.79
C ILE A 161 -10.64 -6.00 18.86
N LEU A 162 -10.55 -7.05 18.04
CA LEU A 162 -11.58 -8.07 17.96
C LEU A 162 -10.95 -9.42 18.26
N THR A 163 -11.76 -10.36 18.72
CA THR A 163 -11.29 -11.72 19.00
C THR A 163 -11.65 -12.60 17.83
N ASP A 164 -10.63 -13.20 17.24
CA ASP A 164 -10.82 -14.00 16.04
C ASP A 164 -11.36 -15.38 16.43
N PRO A 165 -11.82 -16.17 15.46
CA PRO A 165 -12.42 -17.47 15.77
C PRO A 165 -11.51 -18.46 16.52
N GLU A 166 -10.19 -18.30 16.36
CA GLU A 166 -9.21 -19.14 17.06
C GLU A 166 -8.98 -18.67 18.52
N GLY A 167 -9.58 -17.53 18.89
CA GLY A 167 -9.57 -17.08 20.27
C GLY A 167 -8.47 -16.07 20.53
N ASN A 168 -7.93 -15.47 19.47
CA ASN A 168 -6.85 -14.51 19.62
C ASN A 168 -7.34 -13.09 19.42
N LYS A 169 -7.09 -12.23 20.41
CA LYS A 169 -7.38 -10.83 20.27
C LYS A 169 -6.38 -10.28 19.27
N ARG A 170 -6.89 -9.49 18.32
CA ARG A 170 -6.12 -8.98 17.21
C ARG A 170 -6.61 -7.58 16.89
N GLY A 171 -5.70 -6.62 16.79
CA GLY A 171 -6.06 -5.26 16.44
C GLY A 171 -5.90 -4.93 14.97
N CYS A 172 -6.82 -4.12 14.45
CA CYS A 172 -6.73 -3.56 13.10
C CYS A 172 -6.78 -2.04 13.19
N THR A 173 -6.26 -1.38 12.16
CA THR A 173 -6.27 0.07 12.04
C THR A 173 -7.30 0.45 11.00
N LEU A 174 -8.33 1.14 11.45
CA LEU A 174 -9.46 1.54 10.60
C LEU A 174 -9.41 3.06 10.53
N MSE A 175 -10.46 3.76 10.94
CA MSE A 175 -10.52 5.22 10.82
C MSE A 175 -10.58 5.85 12.19
O MSE A 175 -11.07 5.26 13.15
CB MSE A 175 -11.81 5.63 10.08
CG MSE A 175 -13.10 5.64 10.95
SE MSE A 175 -13.64 3.89 11.79
CE MSE A 175 -14.62 3.24 10.32
N PHE A 176 -10.19 7.12 12.27
CA PHE A 176 -10.46 7.90 13.45
C PHE A 176 -11.94 8.27 13.50
N PRO A 177 -12.53 8.28 14.69
CA PRO A 177 -13.85 8.88 14.84
C PRO A 177 -13.85 10.34 14.40
N VAL A 178 -14.95 10.78 13.82
CA VAL A 178 -15.11 12.20 13.48
C VAL A 178 -15.30 13.06 14.73
N TYR A 179 -16.13 12.59 15.65
CA TYR A 179 -16.46 13.29 16.90
C TYR A 179 -16.35 12.34 18.07
N ALA A 180 -15.83 12.84 19.18
CA ALA A 180 -15.83 12.14 20.46
C ALA A 180 -16.49 13.01 21.48
N PHE A 181 -17.41 12.42 22.25
CA PHE A 181 -18.14 13.15 23.28
C PHE A 181 -17.93 12.49 24.64
N LEU A 182 -17.24 13.21 25.52
CA LEU A 182 -16.86 12.73 26.84
C LEU A 182 -17.63 13.44 27.96
N ASP A 183 -18.58 12.72 28.59
CA ASP A 183 -19.29 13.23 29.74
C ASP A 183 -18.85 12.45 30.97
N PRO A 184 -18.07 13.07 31.86
CA PRO A 184 -17.53 12.30 32.99
C PRO A 184 -18.59 11.70 33.89
N ARG A 185 -19.80 12.23 33.85
CA ARG A 185 -20.84 11.67 34.70
C ARG A 185 -21.09 10.22 34.38
N TYR A 186 -20.89 9.82 33.14
CA TYR A 186 -21.15 8.44 32.74
C TYR A 186 -20.23 7.46 33.43
N THR A 187 -19.06 7.92 33.85
CA THR A 187 -18.11 7.03 34.50
C THR A 187 -18.35 6.85 35.98
N TYR A 188 -19.25 7.63 36.57
CA TYR A 188 -19.46 7.54 37.99
C TYR A 188 -20.08 6.20 38.42
N SER A 189 -20.71 5.51 37.47
CA SER A 189 -21.32 4.19 37.73
C SER A 189 -20.36 3.04 37.67
N MSE A 190 -19.11 3.26 37.28
CA MSE A 190 -18.17 2.16 37.27
C MSE A 190 -17.96 1.62 38.66
O MSE A 190 -17.80 2.37 39.61
CB MSE A 190 -16.80 2.57 36.71
CG MSE A 190 -16.77 2.95 35.24
SE MSE A 190 -14.92 3.03 34.56
CE MSE A 190 -14.24 4.51 35.73
N SER A 191 -17.89 0.31 38.77
CA SER A 191 -17.48 -0.30 40.01
C SER A 191 -16.04 0.04 40.31
N ASP A 192 -15.64 -0.14 41.55
CA ASP A 192 -14.24 0.06 41.93
C ASP A 192 -13.29 -0.82 41.10
N GLU A 193 -13.70 -2.07 40.89
CA GLU A 193 -12.91 -2.99 40.12
C GLU A 193 -12.74 -2.55 38.66
N LEU A 194 -13.82 -2.09 38.03
CA LEU A 194 -13.74 -1.62 36.66
C LEU A 194 -12.95 -0.34 36.57
N THR A 195 -13.09 0.52 37.57
CA THR A 195 -12.33 1.77 37.61
C THR A 195 -10.84 1.47 37.64
N LEU A 196 -10.43 0.48 38.43
CA LEU A 196 -9.06 0.05 38.50
C LEU A 196 -8.57 -0.46 37.16
N SER A 197 -9.30 -1.39 36.57
CA SER A 197 -8.82 -2.00 35.34
C SER A 197 -8.74 -1.00 34.19
N THR A 198 -9.77 -0.21 34.01
CA THR A 198 -9.77 0.77 32.95
C THR A 198 -8.75 1.85 33.20
N GLY A 199 -8.54 2.22 34.45
CA GLY A 199 -7.54 3.20 34.76
C GLY A 199 -6.14 2.72 34.48
N VAL A 200 -5.91 1.42 34.70
CA VAL A 200 -4.59 0.85 34.41
C VAL A 200 -4.42 0.63 32.90
N ASP A 201 -5.50 0.49 32.15
CA ASP A 201 -5.39 0.51 30.71
C ASP A 201 -4.91 1.90 30.24
N ALA A 202 -5.52 2.96 30.76
CA ALA A 202 -5.08 4.30 30.42
C ALA A 202 -3.63 4.51 30.81
N LEU A 203 -3.27 4.07 32.01
CA LEU A 203 -1.89 4.15 32.46
C LEU A 203 -0.97 3.46 31.48
N SER A 204 -1.33 2.26 31.08
CA SER A 204 -0.49 1.49 30.16
C SER A 204 -0.37 2.17 28.80
N HIS A 205 -1.43 2.77 28.34
CA HIS A 205 -1.33 3.50 27.07
C HIS A 205 -0.34 4.64 27.16
N ALA A 206 -0.42 5.40 28.25
CA ALA A 206 0.50 6.53 28.40
C ALA A 206 1.95 6.08 28.53
N VAL A 207 2.17 5.06 29.35
CA VAL A 207 3.52 4.55 29.58
C VAL A 207 4.08 3.92 28.31
N GLU A 208 3.33 3.00 27.71
CA GLU A 208 3.77 2.34 26.50
C GLU A 208 4.04 3.34 25.39
N GLY A 209 3.19 4.36 25.25
CA GLY A 209 3.42 5.34 24.22
C GLY A 209 4.68 6.15 24.45
N TYR A 210 4.91 6.54 25.70
CA TYR A 210 6.14 7.24 26.06
C TYR A 210 7.40 6.40 25.82
N LEU A 211 7.33 5.11 26.08
CA LEU A 211 8.50 4.23 26.00
C LEU A 211 8.70 3.66 24.60
N SER A 212 7.70 3.76 23.74
CA SER A 212 7.73 3.15 22.42
C SER A 212 8.84 3.68 21.53
N ARG A 213 9.31 2.85 20.61
CA ARG A 213 10.25 3.33 19.62
C ARG A 213 9.65 4.39 18.71
N LYS A 214 8.31 4.43 18.61
CA LYS A 214 7.59 5.42 17.79
C LYS A 214 7.21 6.69 18.57
N SER A 215 7.72 6.87 19.77
CA SER A 215 7.50 8.07 20.52
C SER A 215 7.84 9.31 19.71
N THR A 216 7.03 10.35 19.90
CA THR A 216 7.21 11.63 19.26
C THR A 216 7.12 12.73 20.29
N PRO A 217 7.54 13.94 19.95
CA PRO A 217 7.40 15.04 20.93
C PRO A 217 5.98 15.36 21.38
N PRO A 218 5.00 15.50 20.48
CA PRO A 218 3.66 15.77 20.97
C PRO A 218 3.09 14.60 21.78
N SER A 219 3.35 13.38 21.36
CA SER A 219 2.80 12.26 22.12
C SER A 219 3.49 12.13 23.49
N ASP A 220 4.77 12.44 23.55
CA ASP A 220 5.46 12.44 24.83
C ASP A 220 4.87 13.50 25.76
N ALA A 221 4.58 14.67 25.25
CA ALA A 221 3.95 15.71 26.07
C ALA A 221 2.63 15.24 26.65
N LEU A 222 1.78 14.65 25.82
CA LEU A 222 0.51 14.16 26.28
C LEU A 222 0.66 13.02 27.25
N ALA A 223 1.63 12.14 27.00
CA ALA A 223 1.83 10.97 27.85
C ALA A 223 2.31 11.36 29.24
N ILE A 224 3.23 12.31 29.30
CA ILE A 224 3.73 12.75 30.60
C ILE A 224 2.61 13.35 31.43
N GLU A 225 1.77 14.18 30.82
CA GLU A 225 0.63 14.72 31.56
C GLU A 225 -0.32 13.64 32.01
N ALA A 226 -0.64 12.70 31.11
CA ALA A 226 -1.55 11.63 31.48
C ALA A 226 -0.99 10.82 32.65
N MSE A 227 0.29 10.50 32.61
CA MSE A 227 0.91 9.74 33.71
C MSE A 227 0.81 10.46 35.04
O MSE A 227 0.51 9.85 36.07
CB MSE A 227 2.36 9.39 33.41
CG MSE A 227 2.52 8.39 32.30
SE MSE A 227 4.42 7.84 32.01
CE MSE A 227 5.02 9.21 30.86
N LYS A 228 1.09 11.75 35.03
CA LYS A 228 1.03 12.54 36.23
C LYS A 228 -0.39 12.59 36.78
N ILE A 229 -1.38 12.75 35.89
CA ILE A 229 -2.77 12.79 36.32
C ILE A 229 -3.14 11.44 36.94
N ILE A 230 -2.74 10.37 36.30
CA ILE A 230 -3.11 9.04 36.76
C ILE A 230 -2.48 8.70 38.10
N HIS A 231 -1.21 8.99 38.27
CA HIS A 231 -0.59 8.77 39.54
C HIS A 231 -1.34 9.50 40.65
N ARG A 232 -1.71 10.75 40.40
CA ARG A 232 -2.36 11.58 41.40
C ARG A 232 -3.79 11.17 41.72
N ASN A 233 -4.51 10.63 40.73
CA ASN A 233 -5.95 10.46 40.82
C ASN A 233 -6.48 9.05 40.82
N LEU A 234 -5.71 8.07 40.37
CA LEU A 234 -6.27 6.73 40.24
C LEU A 234 -6.71 6.16 41.59
N PRO A 235 -5.91 6.22 42.64
CA PRO A 235 -6.37 5.67 43.93
C PRO A 235 -7.69 6.27 44.39
N LYS A 236 -7.83 7.58 44.33
CA LYS A 236 -9.06 8.23 44.75
C LYS A 236 -10.22 7.91 43.82
N ALA A 237 -9.96 7.77 42.53
CA ALA A 237 -11.01 7.42 41.58
C ALA A 237 -11.58 6.05 41.89
N ILE A 238 -10.72 5.10 42.20
CA ILE A 238 -11.18 3.75 42.54
C ILE A 238 -12.13 3.80 43.71
N GLU A 239 -11.84 4.65 44.68
CA GLU A 239 -12.68 4.78 45.87
C GLU A 239 -13.97 5.55 45.61
N GLY A 240 -14.15 6.11 44.43
CA GLY A 240 -15.40 6.75 44.08
C GLY A 240 -15.37 8.26 44.08
N ASN A 241 -14.19 8.88 44.27
CA ASN A 241 -14.13 10.33 44.30
C ASN A 241 -14.43 10.86 42.91
N ARG A 242 -15.44 11.72 42.81
CA ARG A 242 -15.91 12.17 41.51
C ARG A 242 -14.92 13.06 40.79
N GLU A 243 -14.27 13.97 41.51
CA GLU A 243 -13.29 14.81 40.87
C GLU A 243 -12.15 13.99 40.30
N ALA A 244 -11.71 12.99 41.05
CA ALA A 244 -10.66 12.10 40.56
C ALA A 244 -11.10 11.32 39.34
N ARG A 245 -12.34 10.85 39.34
CA ARG A 245 -12.87 10.18 38.15
C ARG A 245 -12.90 11.09 36.94
N LYS A 246 -13.27 12.36 37.13
CA LYS A 246 -13.27 13.30 36.00
C LYS A 246 -11.85 13.40 35.44
N LYS A 247 -10.88 13.50 36.34
CA LYS A 247 -9.48 13.61 35.91
C LYS A 247 -8.99 12.35 35.21
N MSE A 248 -9.40 11.18 35.68
CA MSE A 248 -9.04 9.95 35.01
C MSE A 248 -9.61 9.89 33.61
O MSE A 248 -8.97 9.33 32.73
CB MSE A 248 -9.56 8.75 35.79
CG MSE A 248 -8.76 8.44 37.05
SE MSE A 248 -6.89 8.06 36.73
CE MSE A 248 -7.12 6.73 35.31
N PHE A 249 -10.81 10.40 33.41
CA PHE A 249 -11.43 10.37 32.10
C PHE A 249 -10.67 11.27 31.12
N VAL A 250 -10.21 12.42 31.62
CA VAL A 250 -9.30 13.25 30.86
C VAL A 250 -8.04 12.48 30.49
N ALA A 251 -7.44 11.84 31.47
CA ALA A 251 -6.19 11.13 31.23
C ALA A 251 -6.33 9.98 30.24
N SER A 252 -7.45 9.28 30.29
CA SER A 252 -7.69 8.22 29.34
C SER A 252 -7.82 8.73 27.91
N CYS A 253 -8.37 9.91 27.75
CA CYS A 253 -8.45 10.53 26.45
C CYS A 253 -7.07 10.97 25.95
N LEU A 254 -6.32 11.63 26.82
CA LEU A 254 -4.93 11.98 26.47
C LEU A 254 -4.15 10.76 26.07
N ALA A 255 -4.30 9.69 26.82
CA ALA A 255 -3.52 8.48 26.55
C ALA A 255 -3.94 7.80 25.27
N GLY A 256 -5.21 7.93 24.90
CA GLY A 256 -5.64 7.50 23.59
C GLY A 256 -4.99 8.28 22.48
N MSE A 257 -4.91 9.59 22.68
CA MSE A 257 -4.25 10.44 21.67
C MSE A 257 -2.79 10.05 21.52
O MSE A 257 -2.24 10.10 20.41
CB MSE A 257 -4.34 11.91 22.08
CG MSE A 257 -5.80 12.45 22.16
CG MSE A 257 -5.69 12.53 22.06
SE MSE A 257 -5.93 14.30 22.76
SE MSE A 257 -5.50 14.45 22.37
CE MSE A 257 -7.69 14.76 22.82
CE MSE A 257 -4.62 15.01 20.93
N VAL A 258 -2.16 9.63 22.62
CA VAL A 258 -0.78 9.16 22.57
C VAL A 258 -0.66 7.92 21.71
N ILE A 259 -1.44 6.91 21.99
CA ILE A 259 -1.27 5.65 21.25
C ILE A 259 -1.78 5.75 19.82
N ALA A 260 -2.60 6.73 19.53
CA ALA A 260 -2.93 7.05 18.16
C ALA A 260 -1.71 7.48 17.38
N GLN A 261 -0.68 7.98 18.06
CA GLN A 261 0.56 8.36 17.39
C GLN A 261 1.57 7.22 17.39
N THR A 262 1.60 6.45 18.46
CA THR A 262 2.72 5.53 18.69
C THR A 262 2.40 4.06 18.48
N GLY A 263 1.13 3.69 18.63
CA GLY A 263 0.81 2.30 18.85
C GLY A 263 1.24 1.88 20.23
N THR A 264 1.09 0.58 20.51
CA THR A 264 1.41 0.04 21.82
C THR A 264 2.62 -0.87 21.68
N THR A 265 3.00 -1.51 22.78
CA THR A 265 4.20 -2.31 22.83
C THR A 265 3.86 -3.73 23.19
N LEU A 266 4.90 -4.50 23.40
CA LEU A 266 4.74 -5.89 23.76
C LEU A 266 3.87 -6.09 24.98
N ALA A 267 3.86 -5.17 25.93
CA ALA A 267 3.00 -5.36 27.13
C ALA A 267 1.54 -5.61 26.74
N HIS A 268 1.01 -4.80 25.83
CA HIS A 268 -0.35 -5.03 25.37
CA HIS A 268 -0.33 -4.97 25.31
C HIS A 268 -0.54 -6.40 24.72
N ALA A 269 0.38 -6.78 23.85
CA ALA A 269 0.27 -8.07 23.20
C ALA A 269 0.31 -9.20 24.23
N LEU A 270 1.20 -9.10 25.22
CA LEU A 270 1.33 -10.20 26.16
C LEU A 270 0.09 -10.35 27.06
N GLY A 271 -0.63 -9.27 27.27
CA GLY A 271 -1.84 -9.34 28.07
C GLY A 271 -3.00 -10.04 27.38
N TYR A 272 -2.98 -10.13 26.05
CA TYR A 272 -4.13 -10.63 25.32
C TYR A 272 -4.58 -12.02 25.78
N PRO A 273 -3.72 -13.02 25.83
CA PRO A 273 -4.18 -14.34 26.29
C PRO A 273 -4.68 -14.38 27.74
N LEU A 274 -4.18 -13.50 28.58
CA LEU A 274 -4.69 -13.43 29.96
C LEU A 274 -6.16 -13.05 29.94
N THR A 275 -6.53 -12.15 29.03
CA THR A 275 -7.92 -11.75 28.88
C THR A 275 -8.76 -12.89 28.29
N THR A 276 -8.29 -13.50 27.20
CA THR A 276 -9.13 -14.46 26.49
C THR A 276 -9.19 -15.80 27.19
N GLU A 277 -8.10 -16.18 27.85
CA GLU A 277 -8.02 -17.51 28.48
C GLU A 277 -8.15 -17.55 30.00
N LYS A 278 -7.87 -16.45 30.67
CA LYS A 278 -7.85 -16.44 32.12
C LYS A 278 -8.84 -15.47 32.73
N GLY A 279 -9.64 -14.82 31.89
CA GLY A 279 -10.71 -13.97 32.39
C GLY A 279 -10.29 -12.65 32.98
N ILE A 280 -9.06 -12.23 32.73
CA ILE A 280 -8.53 -11.02 33.32
C ILE A 280 -8.87 -9.85 32.41
N LYS A 281 -9.50 -8.80 32.95
CA LYS A 281 -9.84 -7.67 32.13
C LYS A 281 -8.59 -7.07 31.48
N HIS A 282 -8.75 -6.54 30.28
CA HIS A 282 -7.66 -6.06 29.44
C HIS A 282 -6.66 -5.17 30.18
N GLY A 283 -7.17 -4.16 30.87
CA GLY A 283 -6.25 -3.22 31.49
C GLY A 283 -5.45 -3.82 32.59
N LYS A 284 -6.08 -4.64 33.41
CA LYS A 284 -5.36 -5.37 34.43
C LYS A 284 -4.31 -6.31 33.81
N ALA A 285 -4.66 -6.99 32.73
CA ALA A 285 -3.74 -7.93 32.10
C ALA A 285 -2.48 -7.23 31.60
N THR A 286 -2.67 -6.11 30.91
CA THR A 286 -1.53 -5.35 30.41
C THR A 286 -0.74 -4.81 31.58
N GLY A 287 -1.41 -4.26 32.57
CA GLY A 287 -0.72 -3.68 33.71
C GLY A 287 0.12 -4.68 34.45
N MSE A 288 -0.34 -5.92 34.57
CA MSE A 288 0.43 -6.86 35.33
C MSE A 288 1.79 -7.12 34.69
O MSE A 288 2.79 -7.28 35.38
CB MSE A 288 -0.31 -8.17 35.47
CG MSE A 288 -1.54 -8.07 36.34
SE MSE A 288 -2.63 -9.71 36.36
CE MSE A 288 -1.85 -10.17 37.54
N VAL A 289 1.80 -7.25 33.37
CA VAL A 289 3.06 -7.55 32.69
C VAL A 289 3.92 -6.32 32.42
N LEU A 290 3.33 -5.15 32.38
CA LEU A 290 4.04 -3.92 31.95
C LEU A 290 5.33 -3.66 32.71
N PRO A 291 5.38 -3.72 34.04
CA PRO A 291 6.63 -3.42 34.73
C PRO A 291 7.75 -4.37 34.37
N PHE A 292 7.40 -5.61 34.03
CA PHE A 292 8.40 -6.60 33.68
C PHE A 292 8.88 -6.46 32.23
N VAL A 293 8.01 -6.02 31.33
CA VAL A 293 8.45 -5.60 30.00
C VAL A 293 9.40 -4.40 30.11
N MSE A 294 9.10 -3.47 31.00
CA MSE A 294 9.97 -2.29 31.19
C MSE A 294 11.36 -2.64 31.65
O MSE A 294 12.32 -1.94 31.31
CB MSE A 294 9.35 -1.33 32.23
CG MSE A 294 8.11 -0.63 31.74
SE MSE A 294 7.14 0.30 33.16
CE MSE A 294 8.41 1.49 33.18
N GLU A 295 11.49 -3.71 32.42
CA GLU A 295 12.83 -4.15 32.83
C GLU A 295 13.72 -4.57 31.65
N VAL A 296 13.11 -5.09 30.60
CA VAL A 296 13.84 -5.39 29.39
C VAL A 296 14.09 -4.13 28.58
N MSE A 297 13.10 -3.24 28.53
CA MSE A 297 13.25 -2.00 27.78
C MSE A 297 14.43 -1.16 28.31
O MSE A 297 15.04 -0.41 27.54
CB MSE A 297 12.01 -1.16 27.90
CG MSE A 297 10.78 -1.76 27.25
SE MSE A 297 9.37 -0.50 27.44
CE MSE A 297 8.17 -0.99 26.28
N LYS A 298 14.74 -1.28 29.59
CA LYS A 298 15.84 -0.55 30.21
C LYS A 298 17.18 -0.83 29.54
N GLU A 299 17.30 -1.94 28.83
CA GLU A 299 18.54 -2.21 28.07
C GLU A 299 18.82 -1.13 27.04
N GLU A 300 17.77 -0.50 26.54
CA GLU A 300 17.86 0.45 25.44
C GLU A 300 17.52 1.90 25.85
N ILE A 301 16.55 2.05 26.75
CA ILE A 301 16.08 3.37 27.16
C ILE A 301 15.97 3.49 28.69
N PRO A 302 17.06 3.27 29.42
CA PRO A 302 16.97 3.29 30.88
C PRO A 302 16.54 4.65 31.43
N GLU A 303 16.88 5.75 30.79
CA GLU A 303 16.53 7.07 31.28
C GLU A 303 15.02 7.28 31.21
N LYS A 304 14.39 6.85 30.14
CA LYS A 304 12.95 6.98 30.02
C LYS A 304 12.23 6.08 30.99
N VAL A 305 12.75 4.87 31.17
CA VAL A 305 12.16 3.97 32.16
C VAL A 305 12.27 4.59 33.56
N ASP A 306 13.42 5.19 33.88
CA ASP A 306 13.59 5.88 35.15
C ASP A 306 12.57 7.01 35.32
N THR A 307 12.30 7.74 34.25
CA THR A 307 11.33 8.82 34.31
C THR A 307 9.93 8.29 34.66
N VAL A 308 9.53 7.19 34.02
CA VAL A 308 8.22 6.62 34.31
C VAL A 308 8.17 6.21 35.79
N ASN A 309 9.18 5.49 36.27
CA ASN A 309 9.16 5.07 37.65
C ASN A 309 9.10 6.25 38.61
N HIS A 310 9.80 7.33 38.27
CA HIS A 310 9.79 8.52 39.08
C HIS A 310 8.41 9.17 39.15
N ILE A 311 7.73 9.25 38.03
CA ILE A 311 6.39 9.84 38.00
C ILE A 311 5.45 9.06 38.88
N PHE A 312 5.58 7.73 38.90
CA PHE A 312 4.71 6.92 39.71
C PHE A 312 5.20 6.70 41.16
N GLY A 313 5.93 7.66 41.69
CA GLY A 313 6.31 7.64 43.09
C GLY A 313 7.58 6.90 43.42
N GLY A 314 8.30 6.47 42.41
CA GLY A 314 9.51 5.74 42.61
C GLY A 314 9.52 4.39 41.95
N SER A 315 8.32 3.80 41.80
CA SER A 315 8.22 2.47 41.22
C SER A 315 6.82 2.25 40.69
N LEU A 316 6.70 2.08 39.38
CA LEU A 316 5.39 1.76 38.82
C LEU A 316 4.92 0.40 39.35
N LEU A 317 5.83 -0.58 39.44
CA LEU A 317 5.47 -1.87 40.01
C LEU A 317 4.83 -1.75 41.40
N LYS A 318 5.47 -1.01 42.30
CA LYS A 318 4.92 -0.83 43.64
C LYS A 318 3.59 -0.11 43.60
N PHE A 319 3.45 0.90 42.75
CA PHE A 319 2.18 1.62 42.64
C PHE A 319 1.05 0.64 42.29
N LEU A 320 1.30 -0.20 41.30
CA LEU A 320 0.32 -1.20 40.88
C LEU A 320 0.04 -2.25 41.94
N LYS A 321 1.09 -2.68 42.64
CA LYS A 321 0.87 -3.67 43.71
C LYS A 321 0.00 -3.09 44.81
N GLU A 322 0.25 -1.83 45.13
CA GLU A 322 -0.50 -1.13 46.16
C GLU A 322 -1.96 -0.96 45.84
N LEU A 323 -2.30 -0.95 44.57
CA LEU A 323 -3.67 -0.86 44.13
C LEU A 323 -4.34 -2.23 44.10
N GLY A 324 -3.60 -3.27 44.44
CA GLY A 324 -4.11 -4.63 44.50
C GLY A 324 -4.28 -5.23 43.11
N LEU A 325 -3.45 -4.80 42.16
CA LEU A 325 -3.60 -5.26 40.79
C LEU A 325 -3.31 -6.73 40.64
N TYR A 326 -2.36 -7.25 41.42
CA TYR A 326 -1.85 -8.60 41.23
C TYR A 326 -2.79 -9.61 41.91
N GLU A 327 -2.91 -10.74 41.28
CA GLU A 327 -3.75 -11.83 41.75
C GLU A 327 -3.10 -13.09 41.24
N LYS A 328 -3.37 -14.18 41.93
CA LYS A 328 -2.84 -15.48 41.55
C LYS A 328 -3.53 -15.89 40.26
N VAL A 329 -2.71 -16.31 39.31
CA VAL A 329 -3.24 -16.83 38.05
C VAL A 329 -2.63 -18.21 37.85
N ALA A 330 -3.50 -19.21 37.73
CA ALA A 330 -3.03 -20.55 37.45
C ALA A 330 -2.58 -20.66 35.99
N VAL A 331 -1.38 -21.19 35.81
CA VAL A 331 -0.78 -21.32 34.50
C VAL A 331 -0.09 -22.66 34.38
N SER A 332 -0.44 -23.43 33.36
CA SER A 332 0.21 -24.68 33.08
C SER A 332 1.44 -24.42 32.20
N SER A 333 2.37 -25.37 32.17
CA SER A 333 3.51 -25.25 31.28
C SER A 333 3.06 -25.14 29.83
N GLU A 334 2.02 -25.89 29.44
CA GLU A 334 1.49 -25.85 28.07
C GLU A 334 0.95 -24.48 27.73
N GLU A 335 0.23 -23.86 28.67
CA GLU A 335 -0.29 -22.52 28.44
C GLU A 335 0.84 -21.54 28.30
N LEU A 336 1.79 -21.61 29.23
CA LEU A 336 2.91 -20.67 29.21
C LEU A 336 3.69 -20.76 27.91
N GLU A 337 4.01 -21.97 27.46
CA GLU A 337 4.74 -22.12 26.20
C GLU A 337 3.96 -21.60 25.00
N LYS A 338 2.64 -21.78 25.00
CA LYS A 338 1.79 -21.26 23.92
C LYS A 338 1.86 -19.74 23.92
N TRP A 339 1.75 -19.12 25.08
CA TRP A 339 1.77 -17.67 25.14
C TRP A 339 3.14 -17.12 24.76
N VAL A 340 4.19 -17.78 25.19
CA VAL A 340 5.54 -17.36 24.85
C VAL A 340 5.75 -17.40 23.34
N GLU A 341 5.30 -18.46 22.70
CA GLU A 341 5.42 -18.58 21.25
C GLU A 341 4.67 -17.48 20.50
N LYS A 342 3.46 -17.18 20.97
CA LYS A 342 2.67 -16.11 20.35
C LYS A 342 3.31 -14.75 20.59
N GLY A 343 3.87 -14.55 21.79
CA GLY A 343 4.43 -13.26 22.15
C GLY A 343 5.69 -12.98 21.33
N SER A 344 6.42 -14.03 21.00
CA SER A 344 7.66 -13.92 20.23
C SER A 344 7.42 -13.47 18.78
N ARG A 345 6.18 -13.56 18.29
CA ARG A 345 5.76 -13.17 16.93
C ARG A 345 4.95 -11.89 16.88
N ALA A 346 4.78 -11.25 18.03
CA ALA A 346 3.94 -10.07 18.13
C ALA A 346 4.49 -8.97 17.22
N LYS A 347 3.61 -8.34 16.45
CA LYS A 347 4.01 -7.18 15.64
C LYS A 347 4.56 -6.06 16.52
N HIS A 348 4.05 -6.01 17.75
CA HIS A 348 4.45 -5.00 18.73
C HIS A 348 5.94 -5.00 19.07
N LEU A 349 6.61 -6.12 18.87
CA LEU A 349 8.04 -6.24 19.17
C LEU A 349 8.89 -5.21 18.47
N LYS A 350 8.56 -4.93 17.22
CA LYS A 350 9.32 -3.97 16.44
C LYS A 350 9.28 -2.58 17.07
N ASN A 351 8.20 -2.28 17.83
CA ASN A 351 7.97 -0.98 18.49
C ASN A 351 8.47 -0.94 19.93
N THR A 352 9.03 -2.04 20.45
CA THR A 352 9.33 -2.14 21.87
C THR A 352 10.84 -2.15 22.05
N PRO A 353 11.38 -1.15 22.76
CA PRO A 353 12.82 -1.17 23.05
C PRO A 353 13.21 -2.40 23.82
N GLY A 354 14.45 -2.82 23.63
CA GLY A 354 14.98 -4.04 24.23
C GLY A 354 14.95 -5.22 23.30
N THR A 355 15.55 -6.31 23.76
CA THR A 355 15.65 -7.54 22.98
C THR A 355 14.90 -8.64 23.71
N PHE A 356 13.81 -9.13 23.11
CA PHE A 356 12.90 -10.10 23.72
C PHE A 356 12.96 -11.49 23.16
N THR A 357 13.82 -12.28 23.77
CA THR A 357 13.91 -13.68 23.45
C THR A 357 12.76 -14.42 24.09
N PRO A 358 12.48 -15.63 23.62
CA PRO A 358 11.45 -16.46 24.28
C PRO A 358 11.67 -16.55 25.81
N GLU A 359 12.91 -16.68 26.26
CA GLU A 359 13.17 -16.73 27.70
C GLU A 359 12.79 -15.47 28.44
N LYS A 360 13.06 -14.31 27.86
CA LYS A 360 12.68 -13.07 28.51
C LYS A 360 11.17 -12.98 28.60
N ILE A 361 10.45 -13.42 27.57
CA ILE A 361 8.99 -13.41 27.60
C ILE A 361 8.44 -14.41 28.63
N ARG A 362 9.04 -15.59 28.69
CA ARG A 362 8.68 -16.60 29.67
C ARG A 362 8.83 -16.02 31.06
N ASN A 363 9.95 -15.34 31.29
CA ASN A 363 10.19 -14.75 32.60
C ASN A 363 9.25 -13.61 32.94
N ILE A 364 8.85 -12.83 31.95
CA ILE A 364 7.87 -11.79 32.19
C ILE A 364 6.57 -12.40 32.71
N TYR A 365 6.09 -13.45 32.07
CA TYR A 365 4.87 -14.09 32.54
C TYR A 365 5.06 -14.74 33.94
N ARG A 366 6.18 -15.40 34.16
CA ARG A 366 6.38 -16.06 35.45
C ARG A 366 6.39 -15.04 36.57
N GLU A 367 7.07 -13.91 36.37
CA GLU A 367 7.12 -12.89 37.40
C GLU A 367 5.78 -12.21 37.61
N ALA A 368 5.11 -11.87 36.52
CA ALA A 368 3.85 -11.15 36.61
C ALA A 368 2.74 -11.96 37.29
N LEU A 369 2.76 -13.27 37.07
CA LEU A 369 1.63 -14.11 37.43
C LEU A 369 1.88 -14.96 38.66
N GLY A 370 3.11 -14.96 39.14
CA GLY A 370 3.52 -15.67 40.33
C GLY A 370 3.78 -17.13 40.07
N VAL A 371 4.28 -17.45 38.88
CA VAL A 371 4.56 -18.84 38.49
C VAL A 371 6.01 -19.00 37.96
N HIS B 11 0.23 28.67 -19.15
CA HIS B 11 1.23 28.38 -18.07
C HIS B 11 2.03 27.09 -18.33
N HIS B 12 1.64 26.31 -19.35
CA HIS B 12 2.27 25.00 -19.63
C HIS B 12 3.78 25.14 -19.71
N VAL B 13 4.44 24.28 -18.97
CA VAL B 13 5.88 24.13 -19.02
C VAL B 13 6.13 22.75 -19.55
N TRP B 14 7.08 22.62 -20.46
CA TRP B 14 7.48 21.29 -20.92
C TRP B 14 8.99 21.16 -20.98
N GLU B 15 9.42 19.92 -21.07
CA GLU B 15 10.83 19.56 -21.13
C GLU B 15 11.04 18.55 -22.24
N PHE B 16 12.16 18.69 -22.95
CA PHE B 16 12.65 17.64 -23.81
C PHE B 16 14.00 17.18 -23.26
N TYR B 17 14.08 15.87 -23.03
CA TYR B 17 15.34 15.27 -22.68
C TYR B 17 15.42 13.85 -23.21
N MSE B 18 16.38 13.59 -24.07
CA MSE B 18 16.55 12.26 -24.65
C MSE B 18 18.01 12.20 -25.05
O MSE B 18 18.35 12.55 -26.19
CB MSE B 18 15.58 12.03 -25.82
CG MSE B 18 15.18 10.55 -25.99
SE MSE B 18 16.74 9.37 -26.22
CE MSE B 18 17.37 9.98 -27.93
N PRO B 19 18.89 11.87 -24.11
CA PRO B 19 20.33 11.99 -24.30
C PRO B 19 21.02 10.77 -24.91
N THR B 20 20.31 9.71 -25.20
CA THR B 20 20.91 8.55 -25.82
C THR B 20 21.45 8.85 -27.20
N ASP B 21 22.63 8.37 -27.49
CA ASP B 21 23.24 8.50 -28.80
C ASP B 21 22.83 7.28 -29.59
N VAL B 22 21.97 7.50 -30.59
CA VAL B 22 21.28 6.45 -31.31
C VAL B 22 21.93 6.25 -32.69
N PHE B 23 22.22 5.00 -33.01
CA PHE B 23 22.79 4.65 -34.30
C PHE B 23 21.92 3.58 -34.96
N PHE B 24 21.60 3.77 -36.23
CA PHE B 24 20.66 2.92 -36.94
C PHE B 24 21.26 2.54 -38.30
N GLY B 25 21.30 1.24 -38.58
CA GLY B 25 21.68 0.77 -39.88
C GLY B 25 22.02 -0.69 -39.91
N GLU B 26 22.08 -1.23 -41.12
CA GLU B 26 22.57 -2.60 -41.28
C GLU B 26 24.05 -2.66 -40.90
N LYS B 27 24.39 -3.70 -40.14
CA LYS B 27 25.76 -3.92 -39.62
C LYS B 27 26.20 -2.74 -38.77
N ILE B 28 25.26 -2.16 -38.01
CA ILE B 28 25.58 -1.01 -37.21
C ILE B 28 26.59 -1.33 -36.10
N LEU B 29 26.59 -2.54 -35.54
CA LEU B 29 27.61 -2.85 -34.52
C LEU B 29 28.99 -2.81 -35.12
N GLU B 30 29.16 -3.37 -36.32
CA GLU B 30 30.44 -3.33 -37.01
C GLU B 30 30.85 -1.88 -37.34
N LYS B 31 29.89 -1.12 -37.83
CA LYS B 31 30.14 0.22 -38.33
C LYS B 31 30.32 1.30 -37.27
N ARG B 32 29.64 1.18 -36.15
CA ARG B 32 29.62 2.26 -35.14
C ARG B 32 29.84 1.77 -33.71
N GLY B 33 29.81 0.46 -33.52
CA GLY B 33 29.84 -0.09 -32.18
C GLY B 33 31.11 0.07 -31.40
N ASN B 34 32.23 0.39 -32.07
CA ASN B 34 33.51 0.53 -31.40
C ASN B 34 33.48 1.62 -30.33
N ILE B 35 32.53 2.54 -30.43
CA ILE B 35 32.38 3.62 -29.44
C ILE B 35 32.17 3.10 -28.02
N ILE B 36 31.69 1.86 -27.87
CA ILE B 36 31.49 1.32 -26.52
C ILE B 36 32.80 1.18 -25.74
N ASP B 37 33.93 1.25 -26.42
CA ASP B 37 35.17 1.18 -25.72
C ASP B 37 35.38 2.40 -24.81
N LEU B 38 34.62 3.47 -25.02
CA LEU B 38 34.64 4.62 -24.11
C LEU B 38 34.08 4.29 -22.72
N LEU B 39 33.32 3.21 -22.61
CA LEU B 39 32.65 2.88 -21.36
C LEU B 39 33.45 2.01 -20.42
N GLY B 40 34.46 1.33 -20.91
CA GLY B 40 35.23 0.46 -20.04
C GLY B 40 35.72 -0.79 -20.75
N LYS B 41 36.20 -1.72 -19.93
CA LYS B 41 36.94 -2.88 -20.37
C LYS B 41 36.24 -4.19 -20.08
N ARG B 42 35.16 -4.17 -19.33
CA ARG B 42 34.44 -5.38 -18.98
C ARG B 42 32.95 -5.11 -18.90
N ALA B 43 32.16 -5.97 -19.55
CA ALA B 43 30.73 -5.75 -19.69
C ALA B 43 29.92 -6.97 -19.32
N LEU B 44 28.71 -6.74 -18.81
CA LEU B 44 27.73 -7.80 -18.63
C LEU B 44 26.67 -7.67 -19.71
N VAL B 45 26.46 -8.76 -20.43
CA VAL B 45 25.42 -8.86 -21.47
C VAL B 45 24.23 -9.61 -20.90
N VAL B 46 23.04 -9.00 -21.02
CA VAL B 46 21.81 -9.65 -20.61
C VAL B 46 20.89 -9.83 -21.80
N THR B 47 20.38 -11.05 -21.95
CA THR B 47 19.57 -11.41 -23.09
C THR B 47 18.62 -12.52 -22.76
N GLY B 48 17.66 -12.77 -23.65
CA GLY B 48 16.77 -13.92 -23.49
C GLY B 48 17.40 -15.22 -23.91
N LYS B 49 16.66 -16.31 -23.79
CA LYS B 49 17.24 -17.63 -23.96
C LYS B 49 17.61 -18.02 -25.39
N SER B 50 16.90 -17.52 -26.39
CA SER B 50 17.05 -18.10 -27.73
C SER B 50 17.09 -17.12 -28.88
N SER B 51 16.24 -16.09 -28.89
CA SER B 51 16.08 -15.34 -30.12
C SER B 51 17.37 -14.65 -30.59
N SER B 52 18.21 -14.17 -29.67
CA SER B 52 19.40 -13.42 -30.06
C SER B 52 20.46 -14.31 -30.68
N LYS B 53 20.29 -15.64 -30.53
CA LYS B 53 21.11 -16.63 -31.22
C LYS B 53 20.66 -16.96 -32.64
N LYS B 54 19.48 -16.49 -33.06
CA LYS B 54 18.88 -16.89 -34.35
C LYS B 54 18.60 -15.73 -35.33
N ASN B 55 19.00 -14.52 -34.94
CA ASN B 55 18.96 -13.37 -35.84
C ASN B 55 20.32 -12.72 -36.06
N GLY B 56 21.36 -13.37 -35.59
CA GLY B 56 22.72 -12.86 -35.75
C GLY B 56 23.18 -11.82 -34.73
N SER B 57 22.30 -11.35 -33.86
CA SER B 57 22.65 -10.25 -32.98
C SER B 57 23.69 -10.61 -31.92
N LEU B 58 23.50 -11.74 -31.25
CA LEU B 58 24.45 -12.15 -30.23
C LEU B 58 25.80 -12.42 -30.89
N ASP B 59 25.79 -13.02 -32.08
CA ASP B 59 27.04 -13.27 -32.79
C ASP B 59 27.76 -11.97 -33.11
N ASP B 60 27.01 -10.99 -33.58
CA ASP B 60 27.58 -9.69 -33.89
C ASP B 60 28.11 -8.99 -32.63
N LEU B 61 27.41 -9.10 -31.51
CA LEU B 61 27.85 -8.47 -30.25
C LEU B 61 29.11 -9.16 -29.76
N LYS B 62 29.16 -10.48 -29.80
CA LYS B 62 30.36 -11.21 -29.41
C LYS B 62 31.54 -10.77 -30.27
N LYS B 63 31.34 -10.64 -31.58
CA LYS B 63 32.40 -10.18 -32.46
C LYS B 63 32.86 -8.77 -32.09
N LEU B 64 31.92 -7.89 -31.78
CA LEU B 64 32.27 -6.53 -31.37
C LEU B 64 33.06 -6.47 -30.09
N LEU B 65 32.66 -7.26 -29.11
CA LEU B 65 33.36 -7.27 -27.84
C LEU B 65 34.76 -7.80 -28.02
N ASP B 66 34.93 -8.77 -28.89
CA ASP B 66 36.30 -9.25 -29.17
C ASP B 66 37.14 -8.22 -29.89
N GLU B 67 36.56 -7.56 -30.88
CA GLU B 67 37.27 -6.52 -31.67
C GLU B 67 37.71 -5.34 -30.77
N THR B 68 36.85 -4.95 -29.83
CA THR B 68 37.16 -3.87 -28.90
C THR B 68 37.93 -4.34 -27.67
N GLU B 69 38.19 -5.64 -27.59
CA GLU B 69 38.90 -6.23 -26.46
C GLU B 69 38.27 -5.87 -25.12
N ILE B 70 36.97 -6.10 -25.06
CA ILE B 70 36.19 -5.90 -23.85
C ILE B 70 35.80 -7.30 -23.38
N SER B 71 36.22 -7.64 -22.18
CA SER B 71 35.82 -8.93 -21.61
C SER B 71 34.37 -8.87 -21.18
N TYR B 72 33.74 -10.02 -21.04
CA TYR B 72 32.33 -9.99 -20.73
C TYR B 72 31.85 -11.28 -20.13
N GLU B 73 30.64 -11.22 -19.57
CA GLU B 73 29.85 -12.41 -19.29
C GLU B 73 28.46 -12.25 -19.92
N ILE B 74 27.78 -13.37 -20.10
CA ILE B 74 26.42 -13.38 -20.66
C ILE B 74 25.47 -14.03 -19.69
N PHE B 75 24.41 -13.30 -19.32
CA PHE B 75 23.24 -13.85 -18.65
C PHE B 75 22.17 -13.98 -19.72
N ASP B 76 21.97 -15.17 -20.22
CA ASP B 76 21.00 -15.45 -21.28
C ASP B 76 19.74 -16.14 -20.72
N GLU B 77 19.30 -15.66 -19.56
CA GLU B 77 18.17 -16.25 -18.86
C GLU B 77 17.13 -15.21 -18.46
N VAL B 78 17.08 -14.11 -19.19
CA VAL B 78 16.01 -13.15 -18.98
C VAL B 78 14.72 -13.74 -19.52
N GLU B 79 13.71 -13.75 -18.65
CA GLU B 79 12.36 -14.20 -19.00
C GLU B 79 11.52 -13.05 -19.52
N GLU B 80 10.52 -13.38 -20.33
CA GLU B 80 9.55 -12.37 -20.78
C GLU B 80 8.88 -11.76 -19.55
N ASN B 81 8.67 -10.45 -19.56
CA ASN B 81 8.04 -9.79 -18.40
C ASN B 81 8.82 -10.14 -17.11
N PRO B 82 10.10 -9.77 -17.06
CA PRO B 82 10.97 -10.27 -15.99
C PRO B 82 10.52 -9.92 -14.59
N SER B 83 10.64 -10.88 -13.70
CA SER B 83 10.27 -10.69 -12.31
C SER B 83 11.40 -10.17 -11.42
N PHE B 84 11.04 -9.71 -10.23
CA PHE B 84 12.05 -9.30 -9.25
C PHE B 84 13.00 -10.46 -9.01
N ASP B 85 12.46 -11.68 -8.91
CA ASP B 85 13.26 -12.89 -8.71
C ASP B 85 14.31 -13.12 -9.83
N ASN B 86 13.91 -12.89 -11.07
CA ASN B 86 14.77 -13.08 -12.25
C ASN B 86 15.90 -12.05 -12.17
N VAL B 87 15.57 -10.81 -11.81
CA VAL B 87 16.60 -9.79 -11.61
C VAL B 87 17.56 -10.18 -10.47
N MSE B 88 17.02 -10.66 -9.35
CA MSE B 88 17.86 -11.05 -8.23
C MSE B 88 18.76 -12.23 -8.57
O MSE B 88 19.86 -12.33 -8.08
CB MSE B 88 17.01 -11.40 -7.01
CG MSE B 88 16.27 -10.21 -6.43
SE MSE B 88 15.14 -10.83 -4.97
CE MSE B 88 13.77 -9.32 -4.87
N LYS B 89 18.29 -13.11 -9.45
CA LYS B 89 19.11 -14.28 -9.89
C LYS B 89 20.40 -13.76 -10.52
N ALA B 90 20.28 -12.78 -11.40
CA ALA B 90 21.45 -12.28 -12.09
C ALA B 90 22.32 -11.46 -11.17
N VAL B 91 21.73 -10.63 -10.32
CA VAL B 91 22.55 -9.74 -9.50
C VAL B 91 23.37 -10.55 -8.47
N GLU B 92 22.74 -11.56 -7.88
CA GLU B 92 23.44 -12.42 -6.92
C GLU B 92 24.56 -13.17 -7.64
N ARG B 93 24.30 -13.63 -8.86
CA ARG B 93 25.30 -14.36 -9.61
C ARG B 93 26.53 -13.53 -9.91
N TYR B 94 26.33 -12.24 -10.16
CA TYR B 94 27.38 -11.37 -10.66
C TYR B 94 27.83 -10.34 -9.62
N ARG B 95 27.45 -10.62 -8.37
CA ARG B 95 27.67 -9.67 -7.27
C ARG B 95 29.15 -9.37 -7.04
N ASN B 96 29.97 -10.42 -7.10
CA ASN B 96 31.40 -10.33 -6.81
C ASN B 96 32.28 -10.01 -8.01
N ASP B 97 31.67 -9.78 -9.17
CA ASP B 97 32.42 -9.39 -10.35
C ASP B 97 32.55 -7.87 -10.38
N SER B 98 33.25 -7.34 -11.38
CA SER B 98 33.40 -5.90 -11.57
C SER B 98 33.18 -5.54 -13.04
N PHE B 99 31.98 -5.15 -13.36
CA PHE B 99 31.63 -4.70 -14.69
C PHE B 99 31.68 -3.19 -14.80
N ASP B 100 32.09 -2.69 -15.95
CA ASP B 100 32.10 -1.26 -16.23
C ASP B 100 30.80 -0.78 -16.88
N PHE B 101 30.15 -1.65 -17.62
CA PHE B 101 28.88 -1.34 -18.25
C PHE B 101 28.06 -2.60 -18.50
N VAL B 102 26.79 -2.39 -18.86
CA VAL B 102 25.82 -3.46 -19.11
C VAL B 102 25.26 -3.27 -20.50
N VAL B 103 25.10 -4.37 -21.22
CA VAL B 103 24.50 -4.36 -22.54
C VAL B 103 23.23 -5.20 -22.50
N GLY B 104 22.10 -4.59 -22.88
CA GLY B 104 20.86 -5.31 -23.06
C GLY B 104 20.69 -5.63 -24.51
N LEU B 105 20.40 -6.90 -24.79
CA LEU B 105 20.26 -7.39 -26.16
C LEU B 105 18.97 -8.20 -26.28
N GLY B 106 18.05 -7.71 -27.09
CA GLY B 106 16.80 -8.38 -27.36
C GLY B 106 15.65 -7.39 -27.34
N GLY B 107 14.49 -7.86 -26.93
CA GLY B 107 13.33 -7.01 -26.84
C GLY B 107 13.28 -6.26 -25.54
N GLY B 108 12.11 -5.74 -25.21
CA GLY B 108 11.95 -4.96 -24.03
C GLY B 108 12.31 -5.67 -22.74
N SER B 109 12.09 -6.99 -22.66
CA SER B 109 12.37 -7.68 -21.43
C SER B 109 13.87 -7.62 -21.08
N PRO B 110 14.78 -8.06 -21.95
CA PRO B 110 16.19 -7.91 -21.60
C PRO B 110 16.70 -6.48 -21.57
N MSE B 111 16.15 -5.59 -22.40
CA MSE B 111 16.59 -4.20 -22.32
C MSE B 111 16.23 -3.57 -20.99
O MSE B 111 17.01 -2.81 -20.43
CB MSE B 111 16.04 -3.41 -23.50
CG MSE B 111 16.67 -3.83 -24.82
SE MSE B 111 16.32 -2.51 -26.21
CE MSE B 111 14.45 -3.06 -26.70
N ASP B 112 15.03 -3.87 -20.47
CA ASP B 112 14.61 -3.35 -19.19
C ASP B 112 15.40 -3.98 -18.06
N PHE B 113 15.69 -5.28 -18.23
CA PHE B 113 16.47 -5.99 -17.23
C PHE B 113 17.87 -5.35 -17.12
N ALA B 114 18.45 -4.97 -18.24
CA ALA B 114 19.77 -4.33 -18.26
C ALA B 114 19.79 -3.09 -17.39
N LYS B 115 18.76 -2.26 -17.52
CA LYS B 115 18.72 -1.02 -16.74
C LYS B 115 18.65 -1.32 -15.25
N ALA B 116 17.82 -2.28 -14.86
CA ALA B 116 17.72 -2.65 -13.45
C ALA B 116 19.04 -3.14 -12.90
N VAL B 117 19.69 -4.07 -13.60
CA VAL B 117 20.94 -4.61 -13.09
C VAL B 117 22.05 -3.57 -13.07
N ALA B 118 22.02 -2.61 -13.98
CA ALA B 118 23.07 -1.60 -14.01
C ALA B 118 23.04 -0.71 -12.77
N VAL B 119 21.85 -0.54 -12.19
CA VAL B 119 21.72 0.19 -10.92
C VAL B 119 22.16 -0.72 -9.76
N LEU B 120 21.62 -1.93 -9.73
CA LEU B 120 21.82 -2.83 -8.58
C LEU B 120 23.25 -3.33 -8.46
N LEU B 121 23.96 -3.50 -9.58
CA LEU B 121 25.38 -3.86 -9.54
C LEU B 121 26.27 -2.73 -9.06
N LYS B 122 25.86 -1.49 -9.26
CA LYS B 122 26.63 -0.32 -8.82
C LYS B 122 26.50 -0.08 -7.32
N GLU B 123 25.29 -0.29 -6.79
CA GLU B 123 25.03 -0.08 -5.35
C GLU B 123 24.53 -1.36 -4.72
N LYS B 124 25.45 -2.05 -4.06
CA LYS B 124 25.26 -3.39 -3.55
C LYS B 124 24.23 -3.47 -2.42
N ASP B 125 23.94 -2.34 -1.79
CA ASP B 125 22.97 -2.30 -0.69
C ASP B 125 21.51 -2.14 -1.09
N LEU B 126 21.24 -1.91 -2.37
CA LEU B 126 19.88 -1.77 -2.83
C LEU B 126 19.20 -3.10 -3.11
N SER B 127 17.92 -3.14 -2.83
CA SER B 127 17.03 -4.23 -3.17
C SER B 127 16.33 -3.84 -4.49
N VAL B 128 15.62 -4.78 -5.10
CA VAL B 128 14.88 -4.50 -6.33
C VAL B 128 13.77 -3.50 -6.03
N GLU B 129 13.13 -3.63 -4.88
CA GLU B 129 12.08 -2.67 -4.51
C GLU B 129 12.63 -1.24 -4.42
N ASP B 130 13.88 -1.10 -3.97
CA ASP B 130 14.51 0.21 -3.90
C ASP B 130 14.59 0.95 -5.23
N LEU B 131 14.53 0.22 -6.35
CA LEU B 131 14.54 0.86 -7.66
C LEU B 131 13.34 1.77 -7.91
N TYR B 132 12.28 1.55 -7.12
CA TYR B 132 11.03 2.31 -7.24
C TYR B 132 11.02 3.60 -6.38
N ASP B 133 12.14 3.85 -5.69
CA ASP B 133 12.39 5.07 -4.93
C ASP B 133 13.44 5.91 -5.66
N ARG B 134 13.02 7.02 -6.26
CA ARG B 134 13.88 7.85 -7.11
C ARG B 134 15.10 8.40 -6.34
N GLU B 135 14.94 8.60 -5.04
CA GLU B 135 16.03 9.09 -4.19
C GLU B 135 17.17 8.07 -4.01
N LYS B 136 16.86 6.78 -4.13
CA LYS B 136 17.86 5.72 -3.97
C LYS B 136 18.62 5.44 -5.25
N VAL B 137 18.06 5.86 -6.38
CA VAL B 137 18.69 5.66 -7.68
C VAL B 137 19.42 6.95 -8.07
N LYS B 138 20.69 7.01 -7.71
CA LYS B 138 21.55 8.16 -7.99
C LYS B 138 22.75 7.81 -8.87
N HIS B 139 23.14 6.53 -8.86
CA HIS B 139 24.35 6.05 -9.53
C HIS B 139 24.04 4.74 -10.23
N TRP B 140 24.76 4.50 -11.33
CA TRP B 140 24.55 3.30 -12.13
C TRP B 140 25.74 3.06 -13.04
N LEU B 141 25.88 1.83 -13.46
CA LEU B 141 26.74 1.52 -14.59
C LEU B 141 26.08 2.03 -15.86
N PRO B 142 26.85 2.51 -16.81
CA PRO B 142 26.25 2.87 -18.10
C PRO B 142 25.65 1.66 -18.80
N VAL B 143 24.60 1.93 -19.59
CA VAL B 143 23.86 0.92 -20.30
C VAL B 143 23.90 1.17 -21.80
N VAL B 144 24.16 0.09 -22.54
CA VAL B 144 24.03 0.04 -23.99
C VAL B 144 22.86 -0.85 -24.31
N GLU B 145 22.02 -0.43 -25.25
CA GLU B 145 20.86 -1.21 -25.65
C GLU B 145 20.90 -1.56 -27.15
N ILE B 146 20.59 -2.82 -27.45
CA ILE B 146 20.58 -3.35 -28.79
C ILE B 146 19.24 -4.05 -29.03
N PRO B 147 18.26 -3.30 -29.52
CA PRO B 147 16.91 -3.88 -29.66
C PRO B 147 16.80 -4.88 -30.80
N THR B 148 15.89 -5.85 -30.63
CA THR B 148 15.59 -6.80 -31.68
C THR B 148 14.11 -6.95 -31.98
N THR B 149 13.27 -6.08 -31.41
CA THR B 149 11.86 -6.05 -31.78
C THR B 149 11.44 -4.64 -32.12
N ALA B 150 10.32 -4.52 -32.84
CA ALA B 150 9.90 -3.25 -33.41
C ALA B 150 8.46 -2.92 -33.03
N GLY B 151 8.21 -2.59 -31.76
CA GLY B 151 9.17 -2.63 -30.67
C GLY B 151 8.72 -1.75 -29.52
N THR B 152 9.42 -1.91 -28.41
CA THR B 152 9.13 -1.22 -27.17
C THR B 152 9.75 0.15 -27.06
N GLY B 153 10.76 0.42 -27.87
CA GLY B 153 11.50 1.64 -27.77
C GLY B 153 12.32 1.76 -26.49
N SER B 154 12.54 0.66 -25.77
CA SER B 154 13.22 0.72 -24.49
C SER B 154 14.65 1.25 -24.65
N GLU B 155 15.19 1.14 -25.86
CA GLU B 155 16.53 1.60 -26.13
C GLU B 155 16.72 3.11 -25.95
N VAL B 156 15.61 3.86 -25.95
CA VAL B 156 15.65 5.31 -25.84
C VAL B 156 14.73 5.81 -24.73
N THR B 157 14.44 4.96 -23.75
CA THR B 157 13.70 5.40 -22.57
C THR B 157 14.47 5.11 -21.31
N PRO B 158 14.11 5.73 -20.19
CA PRO B 158 14.74 5.40 -18.92
C PRO B 158 13.94 4.38 -18.10
N TYR B 159 12.95 3.74 -18.72
CA TYR B 159 11.99 2.96 -17.96
C TYR B 159 12.40 1.49 -17.90
N SER B 160 12.01 0.84 -16.83
CA SER B 160 12.16 -0.60 -16.70
C SER B 160 10.87 -1.14 -16.06
N ILE B 161 10.27 -2.15 -16.69
CA ILE B 161 9.00 -2.72 -16.23
C ILE B 161 9.27 -4.13 -15.72
N LEU B 162 9.10 -4.33 -14.42
CA LEU B 162 9.34 -5.61 -13.79
C LEU B 162 8.07 -6.10 -13.17
N THR B 163 7.95 -7.42 -13.02
CA THR B 163 6.78 -8.01 -12.39
C THR B 163 7.15 -8.27 -10.94
N ASP B 164 6.40 -7.67 -10.03
CA ASP B 164 6.69 -7.84 -8.62
C ASP B 164 6.21 -9.22 -8.12
N PRO B 165 6.62 -9.60 -6.91
CA PRO B 165 6.26 -10.91 -6.38
C PRO B 165 4.77 -11.16 -6.20
N GLU B 166 3.93 -10.12 -6.17
CA GLU B 166 2.48 -10.31 -6.12
C GLU B 166 1.87 -10.47 -7.53
N GLY B 167 2.72 -10.43 -8.55
CA GLY B 167 2.29 -10.68 -9.93
C GLY B 167 1.88 -9.44 -10.69
N ASN B 168 2.15 -8.25 -10.15
CA ASN B 168 1.83 -6.99 -10.81
C ASN B 168 3.01 -6.38 -11.57
N LYS B 169 2.80 -6.08 -12.85
CA LYS B 169 3.79 -5.32 -13.62
C LYS B 169 3.85 -3.90 -13.07
N ARG B 170 5.07 -3.44 -12.78
CA ARG B 170 5.31 -2.11 -12.22
C ARG B 170 6.55 -1.50 -12.87
N GLY B 171 6.39 -0.29 -13.35
CA GLY B 171 7.46 0.44 -13.99
C GLY B 171 8.21 1.34 -13.02
N CYS B 172 9.52 1.46 -13.24
CA CYS B 172 10.33 2.45 -12.56
C CYS B 172 11.11 3.28 -13.59
N THR B 173 11.51 4.46 -13.16
CA THR B 173 12.33 5.34 -13.97
C THR B 173 13.77 5.30 -13.43
N LEU B 174 14.66 4.84 -14.28
CA LEU B 174 16.06 4.66 -13.97
C LEU B 174 16.85 5.64 -14.82
N MSE B 175 17.67 5.16 -15.74
CA MSE B 175 18.54 6.02 -16.53
C MSE B 175 18.30 5.77 -18.01
O MSE B 175 17.84 4.71 -18.41
CB MSE B 175 20.01 5.69 -16.23
CG MSE B 175 20.58 4.49 -17.02
SE MSE B 175 19.74 2.72 -16.71
CE MSE B 175 20.67 2.43 -15.23
N PHE B 176 18.68 6.75 -18.82
CA PHE B 176 18.71 6.55 -20.25
C PHE B 176 19.96 5.76 -20.62
N PRO B 177 19.84 4.86 -21.58
CA PRO B 177 21.01 4.26 -22.18
C PRO B 177 21.96 5.32 -22.71
N VAL B 178 23.26 5.04 -22.65
CA VAL B 178 24.22 5.94 -23.26
C VAL B 178 24.20 5.81 -24.79
N TYR B 179 24.13 4.57 -25.26
CA TYR B 179 24.14 4.25 -26.68
C TYR B 179 23.03 3.27 -27.00
N ALA B 180 22.38 3.45 -28.15
CA ALA B 180 21.43 2.52 -28.71
C ALA B 180 21.88 2.16 -30.12
N PHE B 181 21.92 0.85 -30.41
CA PHE B 181 22.35 0.36 -31.70
C PHE B 181 21.21 -0.44 -32.31
N LEU B 182 20.69 0.05 -33.45
CA LEU B 182 19.53 -0.49 -34.12
C LEU B 182 19.91 -1.05 -35.47
N ASP B 183 19.88 -2.38 -35.60
CA ASP B 183 20.15 -3.06 -36.86
C ASP B 183 18.85 -3.73 -37.29
N PRO B 184 18.21 -3.21 -38.34
CA PRO B 184 16.90 -3.72 -38.72
C PRO B 184 16.93 -5.19 -39.11
N ARG B 185 18.08 -5.70 -39.51
CA ARG B 185 18.15 -7.11 -39.87
C ARG B 185 17.73 -8.02 -38.71
N TYR B 186 17.95 -7.57 -37.48
CA TYR B 186 17.59 -8.39 -36.34
C TYR B 186 16.09 -8.64 -36.20
N THR B 187 15.28 -7.78 -36.78
CA THR B 187 13.82 -7.92 -36.68
C THR B 187 13.27 -8.87 -37.72
N TYR B 188 14.08 -9.27 -38.70
CA TYR B 188 13.57 -10.09 -39.80
C TYR B 188 13.10 -11.45 -39.30
N SER B 189 13.66 -11.91 -38.18
CA SER B 189 13.29 -13.22 -37.57
C SER B 189 12.02 -13.22 -36.75
N MSE B 190 11.41 -12.07 -36.53
CA MSE B 190 10.19 -12.06 -35.76
C MSE B 190 9.11 -12.83 -36.50
O MSE B 190 8.92 -12.68 -37.72
CB MSE B 190 9.66 -10.63 -35.54
CG MSE B 190 10.53 -9.78 -34.64
SE MSE B 190 9.57 -8.17 -34.02
CE MSE B 190 9.32 -7.37 -35.77
N SER B 191 8.34 -13.61 -35.74
CA SER B 191 7.12 -14.21 -36.28
C SER B 191 6.11 -13.16 -36.64
N ASP B 192 5.11 -13.55 -37.41
CA ASP B 192 4.00 -12.69 -37.77
C ASP B 192 3.31 -12.19 -36.48
N GLU B 193 3.12 -13.08 -35.53
CA GLU B 193 2.48 -12.75 -34.26
C GLU B 193 3.27 -11.72 -33.43
N LEU B 194 4.58 -11.92 -33.36
CA LEU B 194 5.41 -10.99 -32.61
C LEU B 194 5.52 -9.66 -33.33
N THR B 195 5.58 -9.69 -34.66
CA THR B 195 5.64 -8.44 -35.44
C THR B 195 4.37 -7.61 -35.18
N LEU B 196 3.22 -8.27 -35.12
CA LEU B 196 1.98 -7.60 -34.82
C LEU B 196 1.98 -7.02 -33.42
N SER B 197 2.33 -7.83 -32.42
CA SER B 197 2.25 -7.34 -31.05
C SER B 197 3.22 -6.21 -30.79
N THR B 198 4.47 -6.37 -31.23
CA THR B 198 5.45 -5.33 -30.96
C THR B 198 5.14 -4.08 -31.75
N GLY B 199 4.60 -4.26 -32.97
CA GLY B 199 4.20 -3.12 -33.78
C GLY B 199 3.06 -2.35 -33.16
N VAL B 200 2.15 -3.05 -32.49
CA VAL B 200 1.02 -2.37 -31.83
C VAL B 200 1.49 -1.73 -30.53
N ASP B 201 2.53 -2.26 -29.89
CA ASP B 201 3.13 -1.59 -28.76
C ASP B 201 3.70 -0.23 -29.22
N ALA B 202 4.42 -0.21 -30.35
CA ALA B 202 4.95 1.03 -30.88
C ALA B 202 3.83 1.99 -31.25
N LEU B 203 2.79 1.48 -31.87
CA LEU B 203 1.62 2.27 -32.19
C LEU B 203 1.06 2.91 -30.93
N SER B 204 0.89 2.10 -29.89
CA SER B 204 0.31 2.58 -28.65
C SER B 204 1.18 3.66 -28.01
N HIS B 205 2.49 3.47 -28.06
CA HIS B 205 3.38 4.51 -27.51
C HIS B 205 3.19 5.82 -28.21
N ALA B 206 3.15 5.78 -29.55
CA ALA B 206 2.97 6.98 -30.33
C ALA B 206 1.61 7.66 -30.09
N VAL B 207 0.56 6.84 -30.08
CA VAL B 207 -0.75 7.39 -29.90
C VAL B 207 -0.92 7.93 -28.49
N GLU B 208 -0.55 7.12 -27.49
CA GLU B 208 -0.68 7.54 -26.10
C GLU B 208 0.17 8.76 -25.81
N GLY B 209 1.36 8.83 -26.38
CA GLY B 209 2.19 10.01 -26.15
C GLY B 209 1.62 11.28 -26.78
N TYR B 210 1.02 11.14 -27.96
CA TYR B 210 0.36 12.26 -28.63
C TYR B 210 -0.85 12.76 -27.85
N LEU B 211 -1.61 11.83 -27.29
CA LEU B 211 -2.87 12.19 -26.65
C LEU B 211 -2.74 12.55 -25.18
N SER B 212 -1.62 12.20 -24.57
CA SER B 212 -1.34 12.41 -23.16
C SER B 212 -1.46 13.88 -22.78
N ARG B 213 -1.83 14.11 -21.54
CA ARG B 213 -1.79 15.47 -21.00
C ARG B 213 -0.37 16.01 -20.89
N LYS B 214 0.60 15.11 -20.87
CA LYS B 214 2.01 15.50 -20.86
C LYS B 214 2.62 15.70 -22.26
N SER B 215 1.81 15.67 -23.29
CA SER B 215 2.27 15.90 -24.65
C SER B 215 3.06 17.21 -24.75
N THR B 216 4.09 17.19 -25.58
CA THR B 216 4.93 18.35 -25.82
C THR B 216 5.09 18.51 -27.31
N PRO B 217 5.55 19.67 -27.77
CA PRO B 217 5.76 19.83 -29.20
C PRO B 217 6.77 18.89 -29.84
N PRO B 218 7.94 18.69 -29.29
CA PRO B 218 8.84 17.73 -29.93
C PRO B 218 8.32 16.31 -29.90
N SER B 219 7.68 15.90 -28.81
CA SER B 219 7.15 14.54 -28.78
C SER B 219 5.98 14.39 -29.74
N ASP B 220 5.17 15.42 -29.88
CA ASP B 220 4.08 15.38 -30.86
C ASP B 220 4.64 15.20 -32.29
N ALA B 221 5.72 15.90 -32.62
CA ALA B 221 6.31 15.81 -33.93
C ALA B 221 6.74 14.37 -34.22
N LEU B 222 7.44 13.77 -33.25
CA LEU B 222 7.92 12.41 -33.39
C LEU B 222 6.77 11.42 -33.43
N ALA B 223 5.73 11.66 -32.63
CA ALA B 223 4.57 10.76 -32.58
C ALA B 223 3.79 10.74 -33.88
N ILE B 224 3.60 11.90 -34.48
CA ILE B 224 2.88 11.99 -35.72
C ILE B 224 3.61 11.21 -36.78
N GLU B 225 4.91 11.38 -36.88
CA GLU B 225 5.67 10.67 -37.88
C GLU B 225 5.60 9.16 -37.63
N ALA B 226 5.72 8.76 -36.37
CA ALA B 226 5.66 7.33 -36.05
C ALA B 226 4.30 6.74 -36.44
N MSE B 227 3.24 7.44 -36.12
CA MSE B 227 1.90 6.96 -36.48
C MSE B 227 1.74 6.80 -37.99
O MSE B 227 1.20 5.82 -38.46
CB MSE B 227 0.82 7.93 -35.96
CG MSE B 227 0.66 7.87 -34.46
SE MSE B 227 -0.82 8.98 -33.81
CE MSE B 227 -0.04 10.67 -33.81
N LYS B 228 2.21 7.78 -38.76
CA LYS B 228 2.13 7.69 -40.21
C LYS B 228 2.91 6.50 -40.75
N ILE B 229 4.11 6.28 -40.21
CA ILE B 229 4.91 5.15 -40.66
C ILE B 229 4.21 3.85 -40.33
N ILE B 230 3.65 3.75 -39.13
CA ILE B 230 3.05 2.48 -38.68
C ILE B 230 1.80 2.17 -39.52
N HIS B 231 0.99 3.16 -39.78
CA HIS B 231 -0.19 2.93 -40.59
C HIS B 231 0.20 2.39 -41.95
N ARG B 232 1.25 2.94 -42.55
CA ARG B 232 1.63 2.59 -43.89
C ARG B 232 2.33 1.25 -43.95
N ASN B 233 3.02 0.87 -42.87
CA ASN B 233 3.95 -0.26 -42.92
C ASN B 233 3.61 -1.51 -42.12
N LEU B 234 2.76 -1.39 -41.10
CA LEU B 234 2.58 -2.53 -40.22
C LEU B 234 2.01 -3.75 -40.96
N PRO B 235 0.96 -3.61 -41.75
CA PRO B 235 0.41 -4.81 -42.43
C PRO B 235 1.49 -5.50 -43.27
N LYS B 236 2.28 -4.74 -44.03
CA LYS B 236 3.31 -5.35 -44.88
C LYS B 236 4.48 -5.91 -44.07
N ALA B 237 4.79 -5.30 -42.93
CA ALA B 237 5.82 -5.83 -42.04
C ALA B 237 5.40 -7.19 -41.50
N ILE B 238 4.14 -7.33 -41.15
CA ILE B 238 3.61 -8.62 -40.67
C ILE B 238 3.78 -9.67 -41.76
N GLU B 239 3.58 -9.29 -43.03
CA GLU B 239 3.80 -10.19 -44.19
C GLU B 239 5.27 -10.52 -44.51
N GLY B 240 6.23 -9.80 -43.93
CA GLY B 240 7.66 -10.09 -44.07
C GLY B 240 8.44 -9.14 -44.95
N ASN B 241 7.80 -8.07 -45.41
CA ASN B 241 8.43 -7.14 -46.31
C ASN B 241 9.55 -6.46 -45.50
N ARG B 242 10.78 -6.57 -45.98
CA ARG B 242 11.94 -6.06 -45.21
C ARG B 242 12.00 -4.56 -45.16
N GLU B 243 11.52 -3.88 -46.21
CA GLU B 243 11.50 -2.44 -46.17
C GLU B 243 10.50 -2.02 -45.11
N ALA B 244 9.36 -2.71 -45.05
CA ALA B 244 8.35 -2.36 -44.06
C ALA B 244 8.85 -2.62 -42.64
N ARG B 245 9.55 -3.74 -42.43
CA ARG B 245 10.13 -3.99 -41.12
C ARG B 245 11.19 -2.94 -40.75
N LYS B 246 12.02 -2.51 -41.71
CA LYS B 246 12.99 -1.44 -41.44
C LYS B 246 12.25 -0.20 -40.93
N LYS B 247 11.16 0.16 -41.61
CA LYS B 247 10.41 1.33 -41.25
C LYS B 247 9.71 1.18 -39.90
N MSE B 248 9.19 0.00 -39.60
CA MSE B 248 8.62 -0.25 -38.28
C MSE B 248 9.62 -0.09 -37.14
O MSE B 248 9.31 0.41 -36.10
CB MSE B 248 8.03 -1.67 -38.17
CG MSE B 248 6.72 -1.83 -38.92
SE MSE B 248 5.32 -0.64 -38.33
CE MSE B 248 5.48 -1.03 -36.39
N PHE B 249 10.87 -0.46 -37.40
CA PHE B 249 11.91 -0.36 -36.38
C PHE B 249 12.26 1.10 -36.12
N VAL B 250 12.28 1.90 -37.20
CA VAL B 250 12.41 3.33 -37.06
C VAL B 250 11.27 3.87 -36.20
N ALA B 251 10.04 3.50 -36.55
CA ALA B 251 8.89 4.00 -35.85
C ALA B 251 8.88 3.63 -34.36
N SER B 252 9.32 2.43 -34.03
CA SER B 252 9.38 2.02 -32.65
C SER B 252 10.40 2.83 -31.85
N CYS B 253 11.48 3.22 -32.50
CA CYS B 253 12.45 4.06 -31.86
C CYS B 253 11.87 5.47 -31.65
N LEU B 254 11.29 6.03 -32.69
CA LEU B 254 10.63 7.33 -32.55
C LEU B 254 9.61 7.32 -31.41
N ALA B 255 8.82 6.24 -31.36
CA ALA B 255 7.78 6.16 -30.34
C ALA B 255 8.34 6.01 -28.93
N GLY B 256 9.49 5.37 -28.82
CA GLY B 256 10.21 5.36 -27.57
C GLY B 256 10.64 6.75 -27.13
N MSE B 257 11.16 7.52 -28.07
CA MSE B 257 11.58 8.88 -27.77
C MSE B 257 10.36 9.68 -27.29
O MSE B 257 10.48 10.52 -26.43
CB MSE B 257 12.18 9.55 -29.00
CG MSE B 257 13.47 8.87 -29.49
SE MSE B 257 14.19 9.99 -30.96
SE MSE B 257 14.29 9.40 -31.16
CE MSE B 257 15.70 8.90 -31.50
CE MSE B 257 14.51 11.39 -30.74
N VAL B 258 9.21 9.41 -27.89
CA VAL B 258 7.97 10.07 -27.45
C VAL B 258 7.69 9.75 -25.99
N ILE B 259 7.55 8.48 -25.65
CA ILE B 259 7.16 8.16 -24.28
C ILE B 259 8.25 8.48 -23.27
N ALA B 260 9.48 8.61 -23.71
CA ALA B 260 10.51 9.14 -22.82
C ALA B 260 10.21 10.58 -22.37
N GLN B 261 9.39 11.29 -23.12
CA GLN B 261 8.96 12.63 -22.73
C GLN B 261 7.62 12.65 -21.99
N THR B 262 6.71 11.77 -22.41
CA THR B 262 5.32 11.87 -21.96
C THR B 262 4.88 10.85 -20.94
N GLY B 263 5.57 9.72 -20.89
CA GLY B 263 5.00 8.53 -20.27
C GLY B 263 3.79 8.04 -21.07
N THR B 264 3.05 7.13 -20.45
CA THR B 264 1.90 6.53 -21.13
C THR B 264 0.61 6.90 -20.42
N THR B 265 -0.49 6.33 -20.90
CA THR B 265 -1.79 6.70 -20.38
C THR B 265 -2.45 5.49 -19.77
N LEU B 266 -3.72 5.66 -19.46
CA LEU B 266 -4.50 4.56 -18.92
C LEU B 266 -4.48 3.30 -19.78
N ALA B 267 -4.43 3.43 -21.10
CA ALA B 267 -4.41 2.22 -21.96
C ALA B 267 -3.31 1.24 -21.55
N HIS B 268 -2.09 1.75 -21.36
CA HIS B 268 -1.01 0.88 -20.92
CA HIS B 268 -0.95 0.95 -20.90
C HIS B 268 -1.27 0.24 -19.57
N ALA B 269 -1.79 1.00 -18.63
CA ALA B 269 -2.08 0.45 -17.31
C ALA B 269 -3.16 -0.64 -17.40
N LEU B 270 -4.19 -0.40 -18.21
CA LEU B 270 -5.30 -1.38 -18.27
C LEU B 270 -4.85 -2.69 -18.91
N GLY B 271 -3.87 -2.62 -19.80
CA GLY B 271 -3.36 -3.83 -20.41
C GLY B 271 -2.54 -4.73 -19.49
N TYR B 272 -1.95 -4.19 -18.43
CA TYR B 272 -1.05 -4.98 -17.63
C TYR B 272 -1.63 -6.31 -17.10
N PRO B 273 -2.81 -6.31 -16.50
CA PRO B 273 -3.37 -7.59 -16.04
C PRO B 273 -3.69 -8.56 -17.16
N LEU B 274 -4.02 -8.07 -18.35
CA LEU B 274 -4.20 -8.94 -19.50
C LEU B 274 -2.92 -9.71 -19.80
N THR B 275 -1.76 -9.07 -19.64
CA THR B 275 -0.51 -9.74 -19.82
C THR B 275 -0.17 -10.72 -18.69
N THR B 276 -0.27 -10.25 -17.46
CA THR B 276 0.15 -11.07 -16.31
C THR B 276 -0.81 -12.19 -15.99
N GLU B 277 -2.10 -11.99 -16.24
CA GLU B 277 -3.14 -12.95 -15.85
C GLU B 277 -3.72 -13.73 -17.01
N LYS B 278 -3.72 -13.17 -18.22
CA LYS B 278 -4.34 -13.82 -19.36
C LYS B 278 -3.38 -14.19 -20.48
N GLY B 279 -2.09 -13.95 -20.26
CA GLY B 279 -1.05 -14.36 -21.19
C GLY B 279 -1.02 -13.59 -22.51
N ILE B 280 -1.64 -12.42 -22.56
CA ILE B 280 -1.71 -11.62 -23.78
C ILE B 280 -0.43 -10.78 -23.81
N LYS B 281 0.29 -10.82 -24.94
CA LYS B 281 1.51 -10.02 -25.04
C LYS B 281 1.21 -8.56 -24.84
N HIS B 282 2.17 -7.86 -24.27
CA HIS B 282 2.01 -6.49 -23.85
C HIS B 282 1.43 -5.57 -24.90
N GLY B 283 1.98 -5.62 -26.12
CA GLY B 283 1.53 -4.73 -27.16
C GLY B 283 0.09 -4.99 -27.54
N LYS B 284 -0.26 -6.26 -27.67
CA LYS B 284 -1.61 -6.66 -28.05
C LYS B 284 -2.59 -6.24 -26.95
N ALA B 285 -2.18 -6.39 -25.69
CA ALA B 285 -3.05 -6.03 -24.56
C ALA B 285 -3.39 -4.55 -24.54
N THR B 286 -2.38 -3.71 -24.69
CA THR B 286 -2.58 -2.27 -24.73
C THR B 286 -3.42 -1.89 -25.93
N GLY B 287 -3.08 -2.48 -27.08
CA GLY B 287 -3.77 -2.13 -28.30
C GLY B 287 -5.25 -2.45 -28.26
N MSE B 288 -5.60 -3.56 -27.62
CA MSE B 288 -6.99 -3.95 -27.58
C MSE B 288 -7.83 -2.90 -26.88
O MSE B 288 -8.93 -2.57 -27.33
CB MSE B 288 -7.15 -5.30 -26.88
CG MSE B 288 -6.57 -6.45 -27.71
SE MSE B 288 -6.62 -8.15 -26.75
CE MSE B 288 -8.28 -8.45 -27.08
N VAL B 289 -7.32 -2.38 -25.76
CA VAL B 289 -8.08 -1.41 -24.98
C VAL B 289 -7.95 0.02 -25.51
N LEU B 290 -6.88 0.31 -26.23
CA LEU B 290 -6.60 1.67 -26.65
C LEU B 290 -7.73 2.43 -27.34
N PRO B 291 -8.38 1.87 -28.37
CA PRO B 291 -9.42 2.66 -29.05
C PRO B 291 -10.58 3.01 -28.15
N PHE B 292 -10.81 2.20 -27.12
CA PHE B 292 -11.93 2.42 -26.23
C PHE B 292 -11.59 3.46 -25.18
N VAL B 293 -10.34 3.48 -24.74
CA VAL B 293 -9.82 4.58 -23.92
C VAL B 293 -9.88 5.90 -24.70
N MSE B 294 -9.53 5.85 -25.99
CA MSE B 294 -9.57 7.06 -26.83
C MSE B 294 -10.96 7.63 -26.95
O MSE B 294 -11.12 8.84 -27.02
CB MSE B 294 -9.11 6.75 -28.23
CB MSE B 294 -8.94 6.76 -28.20
CG MSE B 294 -7.68 6.71 -28.37
CG MSE B 294 -8.44 7.97 -28.97
SE MSE B 294 -7.16 5.87 -30.02
SE MSE B 294 -7.34 7.56 -30.53
CE MSE B 294 -8.12 7.06 -31.32
CE MSE B 294 -8.68 6.59 -31.63
N GLU B 295 -11.97 6.77 -27.02
CA GLU B 295 -13.33 7.26 -27.09
C GLU B 295 -13.71 8.11 -25.87
N VAL B 296 -13.23 7.74 -24.71
CA VAL B 296 -13.44 8.54 -23.52
C VAL B 296 -12.63 9.85 -23.62
N MSE B 297 -11.39 9.76 -24.08
CA MSE B 297 -10.57 10.97 -24.22
C MSE B 297 -11.20 12.02 -25.11
O MSE B 297 -10.95 13.22 -24.92
CB MSE B 297 -9.21 10.60 -24.83
CG MSE B 297 -8.37 9.72 -23.97
SE MSE B 297 -6.65 9.40 -24.85
CE MSE B 297 -6.12 7.75 -24.23
N LYS B 298 -11.96 11.60 -26.10
CA LYS B 298 -12.61 12.47 -27.06
C LYS B 298 -13.54 13.51 -26.40
N GLU B 299 -13.96 13.26 -25.15
CA GLU B 299 -14.72 14.23 -24.34
C GLU B 299 -14.01 15.58 -24.24
N GLU B 300 -12.67 15.52 -24.13
CA GLU B 300 -11.79 16.64 -23.81
C GLU B 300 -10.87 17.04 -24.95
N ILE B 301 -10.35 16.05 -25.68
CA ILE B 301 -9.45 16.32 -26.81
C ILE B 301 -9.96 15.76 -28.13
N PRO B 302 -11.15 16.18 -28.57
CA PRO B 302 -11.68 15.55 -29.78
C PRO B 302 -10.84 15.82 -31.01
N GLU B 303 -10.19 16.98 -31.06
CA GLU B 303 -9.43 17.36 -32.24
C GLU B 303 -8.24 16.40 -32.43
N LYS B 304 -7.51 16.13 -31.36
CA LYS B 304 -6.36 15.22 -31.45
C LYS B 304 -6.81 13.79 -31.71
N VAL B 305 -7.90 13.37 -31.09
CA VAL B 305 -8.44 12.02 -31.37
C VAL B 305 -8.83 11.91 -32.83
N ASP B 306 -9.49 12.94 -33.37
CA ASP B 306 -9.83 12.94 -34.80
C ASP B 306 -8.57 12.79 -35.66
N THR B 307 -7.50 13.49 -35.29
CA THR B 307 -6.25 13.40 -36.03
C THR B 307 -5.70 11.97 -36.04
N VAL B 308 -5.74 11.32 -34.89
CA VAL B 308 -5.26 9.94 -34.78
C VAL B 308 -6.10 9.03 -35.69
N ASN B 309 -7.42 9.17 -35.65
CA ASN B 309 -8.26 8.34 -36.51
C ASN B 309 -8.02 8.61 -37.99
N HIS B 310 -7.81 9.87 -38.34
CA HIS B 310 -7.50 10.22 -39.71
C HIS B 310 -6.19 9.61 -40.20
N ILE B 311 -5.16 9.66 -39.37
CA ILE B 311 -3.89 9.05 -39.75
C ILE B 311 -4.03 7.57 -40.00
N PHE B 312 -4.85 6.89 -39.21
CA PHE B 312 -5.04 5.45 -39.35
C PHE B 312 -6.20 5.10 -40.26
N GLY B 313 -6.34 5.84 -41.36
CA GLY B 313 -7.27 5.49 -42.42
C GLY B 313 -8.71 5.85 -42.18
N GLY B 314 -8.97 6.63 -41.12
CA GLY B 314 -10.32 7.02 -40.76
C GLY B 314 -10.75 6.46 -39.41
N SER B 315 -10.17 5.33 -39.01
CA SER B 315 -10.55 4.66 -37.77
C SER B 315 -9.41 3.80 -37.25
N LEU B 316 -8.79 4.18 -36.14
CA LEU B 316 -7.83 3.29 -35.51
C LEU B 316 -8.43 1.92 -35.11
N LEU B 317 -9.64 1.93 -34.56
CA LEU B 317 -10.31 0.69 -34.18
C LEU B 317 -10.43 -0.24 -35.39
N LYS B 318 -10.87 0.28 -36.54
CA LYS B 318 -10.98 -0.56 -37.75
C LYS B 318 -9.65 -1.09 -38.21
N PHE B 319 -8.62 -0.26 -38.16
CA PHE B 319 -7.28 -0.67 -38.51
C PHE B 319 -6.81 -1.87 -37.65
N LEU B 320 -7.02 -1.78 -36.34
CA LEU B 320 -6.64 -2.83 -35.42
C LEU B 320 -7.45 -4.09 -35.63
N LYS B 321 -8.76 -3.93 -35.89
CA LYS B 321 -9.61 -5.06 -36.20
C LYS B 321 -9.12 -5.79 -37.44
N GLU B 322 -8.74 -5.02 -38.46
CA GLU B 322 -8.26 -5.57 -39.74
C GLU B 322 -6.97 -6.34 -39.60
N LEU B 323 -6.15 -5.97 -38.61
CA LEU B 323 -4.92 -6.69 -38.29
C LEU B 323 -5.16 -8.01 -37.58
N GLY B 324 -6.39 -8.25 -37.15
CA GLY B 324 -6.73 -9.45 -36.39
C GLY B 324 -6.27 -9.38 -34.95
N LEU B 325 -6.27 -8.18 -34.39
CA LEU B 325 -5.75 -7.98 -33.05
C LEU B 325 -6.63 -8.63 -31.98
N TYR B 326 -7.95 -8.65 -32.19
CA TYR B 326 -8.91 -9.00 -31.14
C TYR B 326 -9.17 -10.49 -31.07
N GLU B 327 -8.97 -11.04 -29.87
CA GLU B 327 -9.18 -12.47 -29.56
C GLU B 327 -10.17 -12.59 -28.41
N LYS B 328 -10.89 -13.71 -28.36
CA LYS B 328 -11.77 -14.00 -27.22
C LYS B 328 -10.88 -14.23 -26.01
N VAL B 329 -11.25 -13.62 -24.89
CA VAL B 329 -10.50 -13.79 -23.64
C VAL B 329 -11.48 -14.26 -22.56
N ALA B 330 -11.18 -15.33 -21.84
CA ALA B 330 -12.07 -15.80 -20.77
C ALA B 330 -11.87 -14.88 -19.58
N VAL B 331 -12.97 -14.26 -19.12
CA VAL B 331 -12.92 -13.27 -18.05
C VAL B 331 -14.09 -13.47 -17.10
N SER B 332 -13.79 -13.68 -15.83
CA SER B 332 -14.84 -13.80 -14.82
C SER B 332 -15.25 -12.41 -14.31
N SER B 333 -16.44 -12.29 -13.72
CA SER B 333 -16.84 -11.03 -13.10
C SER B 333 -15.87 -10.66 -12.00
N GLU B 334 -15.38 -11.64 -11.25
CA GLU B 334 -14.40 -11.39 -10.21
C GLU B 334 -13.13 -10.78 -10.75
N GLU B 335 -12.63 -11.30 -11.87
CA GLU B 335 -11.43 -10.73 -12.51
C GLU B 335 -11.69 -9.31 -12.99
N LEU B 336 -12.81 -9.13 -13.68
CA LEU B 336 -13.16 -7.83 -14.25
C LEU B 336 -13.27 -6.75 -13.17
N GLU B 337 -13.93 -7.06 -12.06
CA GLU B 337 -14.08 -6.07 -11.00
C GLU B 337 -12.73 -5.71 -10.35
N LYS B 338 -11.85 -6.70 -10.21
CA LYS B 338 -10.51 -6.47 -9.69
C LYS B 338 -9.75 -5.53 -10.63
N TRP B 339 -9.80 -5.80 -11.93
CA TRP B 339 -9.10 -4.94 -12.90
C TRP B 339 -9.69 -3.54 -12.92
N VAL B 340 -11.00 -3.44 -12.78
CA VAL B 340 -11.67 -2.15 -12.82
C VAL B 340 -11.21 -1.34 -11.61
N GLU B 341 -11.06 -2.01 -10.47
CA GLU B 341 -10.62 -1.33 -9.26
C GLU B 341 -9.11 -0.96 -9.33
N LYS B 342 -8.26 -1.87 -9.80
CA LYS B 342 -6.81 -1.56 -9.98
C LYS B 342 -6.60 -0.42 -10.97
N GLY B 343 -7.38 -0.40 -12.04
CA GLY B 343 -7.34 0.67 -13.04
C GLY B 343 -7.81 2.04 -12.53
N SER B 344 -8.77 2.05 -11.60
CA SER B 344 -9.25 3.28 -10.97
C SER B 344 -8.15 3.95 -10.13
N ARG B 345 -7.12 3.19 -9.73
CA ARG B 345 -6.00 3.71 -8.93
C ARG B 345 -4.70 3.92 -9.70
N ALA B 346 -4.73 3.77 -11.01
CA ALA B 346 -3.50 3.79 -11.79
C ALA B 346 -2.92 5.20 -11.77
N LYS B 347 -1.61 5.30 -11.51
CA LYS B 347 -0.88 6.58 -11.60
C LYS B 347 -1.09 7.24 -12.99
N HIS B 348 -1.33 6.41 -14.01
CA HIS B 348 -1.53 6.88 -15.39
C HIS B 348 -2.80 7.74 -15.60
N LEU B 349 -3.80 7.62 -14.72
CA LEU B 349 -5.05 8.40 -14.85
C LEU B 349 -4.83 9.93 -14.87
N LYS B 350 -3.88 10.39 -14.09
CA LYS B 350 -3.58 11.83 -14.01
C LYS B 350 -3.26 12.44 -15.39
N ASN B 351 -2.72 11.60 -16.27
CA ASN B 351 -2.21 12.05 -17.57
C ASN B 351 -3.10 11.69 -18.76
N THR B 352 -4.27 11.10 -18.50
CA THR B 352 -5.20 10.73 -19.55
C THR B 352 -6.36 11.69 -19.66
N PRO B 353 -6.57 12.37 -20.80
CA PRO B 353 -7.77 13.19 -20.99
C PRO B 353 -9.07 12.38 -20.86
N GLY B 354 -10.12 13.01 -20.37
CA GLY B 354 -11.43 12.39 -20.17
C GLY B 354 -11.65 12.05 -18.72
N THR B 355 -12.88 11.65 -18.42
CA THR B 355 -13.29 11.33 -17.06
C THR B 355 -13.64 9.84 -16.99
N PHE B 356 -12.84 9.06 -16.26
CA PHE B 356 -12.94 7.59 -16.27
C PHE B 356 -13.64 7.02 -15.03
N THR B 357 -14.95 6.90 -15.11
CA THR B 357 -15.73 6.30 -14.03
C THR B 357 -15.48 4.79 -14.04
N PRO B 358 -15.83 4.11 -12.96
CA PRO B 358 -15.82 2.64 -12.96
C PRO B 358 -16.64 2.08 -14.10
N GLU B 359 -17.80 2.68 -14.39
CA GLU B 359 -18.67 2.25 -15.48
C GLU B 359 -17.92 2.35 -16.80
N LYS B 360 -17.21 3.45 -17.05
CA LYS B 360 -16.49 3.57 -18.31
C LYS B 360 -15.33 2.56 -18.46
N ILE B 361 -14.62 2.29 -17.38
CA ILE B 361 -13.50 1.35 -17.40
C ILE B 361 -13.99 -0.08 -17.57
N ARG B 362 -15.05 -0.42 -16.84
CA ARG B 362 -15.69 -1.71 -17.05
C ARG B 362 -16.10 -1.88 -18.50
N ASN B 363 -16.67 -0.83 -19.09
CA ASN B 363 -17.11 -0.89 -20.48
C ASN B 363 -15.94 -1.03 -21.43
N ILE B 364 -14.83 -0.35 -21.14
CA ILE B 364 -13.63 -0.47 -21.94
C ILE B 364 -13.18 -1.91 -22.01
N TYR B 365 -13.09 -2.59 -20.87
CA TYR B 365 -12.72 -3.98 -20.86
C TYR B 365 -13.76 -4.86 -21.56
N ARG B 366 -15.04 -4.62 -21.31
CA ARG B 366 -16.07 -5.43 -21.96
C ARG B 366 -16.02 -5.32 -23.48
N GLU B 367 -15.82 -4.11 -24.00
CA GLU B 367 -15.76 -3.93 -25.45
C GLU B 367 -14.50 -4.55 -26.04
N ALA B 368 -13.37 -4.33 -25.39
CA ALA B 368 -12.09 -4.84 -25.87
C ALA B 368 -11.99 -6.35 -25.86
N LEU B 369 -12.61 -6.98 -24.86
CA LEU B 369 -12.39 -8.41 -24.62
C LEU B 369 -13.56 -9.25 -25.14
N GLY B 370 -14.64 -8.60 -25.57
CA GLY B 370 -15.82 -9.34 -26.01
C GLY B 370 -16.57 -9.99 -24.86
FE FE C . -5.37 -1.01 26.03
PA NAP D . -15.67 -2.99 27.95
O1A NAP D . -15.14 -4.31 27.47
O2A NAP D . -16.25 -2.09 26.93
O5B NAP D . -16.73 -3.18 29.15
C5B NAP D . -16.38 -3.82 30.36
C4B NAP D . -17.60 -3.87 31.26
O4B NAP D . -17.87 -2.56 31.77
C3B NAP D . -18.89 -4.32 30.59
O3B NAP D . -19.48 -5.31 31.40
C2B NAP D . -19.76 -3.08 30.51
O2B NAP D . -21.15 -3.29 30.68
C1B NAP D . -19.26 -2.32 31.70
N9A NAP D . -19.38 -0.85 31.66
C8A NAP D . -18.99 -0.02 30.64
N7A NAP D . -19.19 1.27 31.04
C5A NAP D . -19.65 1.24 32.32
C6A NAP D . -20.04 2.26 33.21
N6A NAP D . -19.83 3.57 32.97
N1A NAP D . -20.52 1.87 34.43
C2A NAP D . -20.67 0.55 34.79
N3A NAP D . -20.26 -0.45 33.94
C4A NAP D . -19.79 -0.10 32.71
O3 NAP D . -14.49 -2.29 28.84
PN NAP D . -13.26 -1.37 28.38
O1N NAP D . -13.75 0.03 28.31
O2N NAP D . -12.19 -1.69 29.33
O5D NAP D . -12.89 -1.87 26.93
C5D NAP D . -12.13 -3.05 26.77
C4D NAP D . -12.03 -3.38 25.29
O4D NAP D . -11.35 -2.32 24.64
C3D NAP D . -11.20 -4.66 25.05
O3D NAP D . -11.75 -5.44 24.00
C2D NAP D . -9.85 -4.09 24.66
O2D NAP D . -9.00 -4.94 23.89
C1D NAP D . -10.25 -2.83 23.90
N1N NAP D . -9.18 -1.81 23.72
C2N NAP D . -9.19 -1.06 22.58
C3N NAP D . -8.19 -0.14 22.31
C7N NAP D . -8.31 0.77 21.12
O7N NAP D . -7.36 1.75 20.83
N7N NAP D . -9.37 0.68 20.35
C4N NAP D . -7.18 0.08 23.26
C5N NAP D . -7.20 -0.66 24.46
C6N NAP D . -8.18 -1.63 24.64
P2B NAP D . -22.11 -3.39 29.39
O1X NAP D . -21.57 -4.45 28.50
O2X NAP D . -23.46 -3.74 30.02
O3X NAP D . -22.11 -2.02 28.71
C TRS E . -33.58 20.43 14.03
C1 TRS E . -34.45 21.32 13.16
C2 TRS E . -32.63 21.30 14.86
C3 TRS E . -32.75 19.52 13.15
N TRS E . -34.43 19.56 14.86
O1 TRS E . -35.40 21.97 13.97
O2 TRS E . -31.97 20.53 15.84
O3 TRS E . -33.61 18.60 12.53
FE FE F . 4.46 -0.48 -24.16
PA NAP G . 10.09 -9.50 -25.11
O1A NAP G . 9.30 -9.74 -23.88
O2A NAP G . 11.49 -8.98 -24.87
O5B NAP G . 10.24 -10.87 -25.94
C5B NAP G . 9.11 -11.52 -26.47
C4B NAP G . 9.53 -12.73 -27.23
O4B NAP G . 10.13 -12.29 -28.44
C3B NAP G . 10.56 -13.60 -26.52
O3B NAP G . 10.14 -14.95 -26.62
C2B NAP G . 11.84 -13.40 -27.29
O2B NAP G . 12.62 -14.58 -27.39
C1B NAP G . 11.30 -13.08 -28.66
N9A NAP G . 12.13 -12.29 -29.59
C8A NAP G . 12.73 -11.09 -29.29
N7A NAP G . 13.32 -10.64 -30.43
C5A NAP G . 13.05 -11.52 -31.44
C6A NAP G . 13.41 -11.55 -32.78
N6A NAP G . 14.05 -10.54 -33.41
N1A NAP G . 13.00 -12.62 -33.54
C2A NAP G . 12.27 -13.64 -32.96
N3A NAP G . 11.87 -13.64 -31.64
C4A NAP G . 12.29 -12.56 -30.90
O3 NAP G . 9.21 -8.65 -26.19
PN NAP G . 8.99 -7.07 -26.30
O1N NAP G . 10.08 -6.58 -27.16
O2N NAP G . 7.58 -6.90 -26.76
O5D NAP G . 9.16 -6.48 -24.81
C5D NAP G . 8.05 -6.58 -23.92
C4D NAP G . 8.50 -6.10 -22.56
O4D NAP G . 8.86 -4.74 -22.71
C3D NAP G . 7.40 -6.20 -21.50
O3D NAP G . 7.92 -6.52 -20.23
C2D NAP G . 6.88 -4.79 -21.47
O2D NAP G . 6.18 -4.49 -20.27
C1D NAP G . 8.18 -3.99 -21.72
N1N NAP G . 8.01 -2.56 -22.12
C2N NAP G . 9.01 -1.68 -21.76
C3N NAP G . 8.93 -0.31 -22.05
C7N NAP G . 10.06 0.61 -21.66
O7N NAP G . 10.08 1.96 -22.03
N7N NAP G . 11.07 0.16 -20.96
C4N NAP G . 7.78 0.15 -22.72
C5N NAP G . 6.77 -0.76 -23.09
C6N NAP G . 6.88 -2.11 -22.74
P2B NAP G . 13.83 -14.83 -26.35
O1X NAP G . 13.33 -14.77 -24.94
O2X NAP G . 14.29 -16.25 -26.74
O3X NAP G . 14.89 -13.74 -26.62
C TRS H . 16.09 15.35 -15.33
C1 TRS H . 16.23 16.88 -15.32
C2 TRS H . 17.32 14.70 -14.70
C3 TRS H . 15.91 14.85 -16.75
C3 TRS H . 15.99 14.88 -16.76
N TRS H . 14.90 14.93 -14.56
O1 TRS H . 14.99 17.48 -15.65
O2 TRS H . 17.37 14.97 -13.31
O3 TRS H . 15.72 13.44 -16.76
O3 TRS H . 14.67 15.09 -17.21
#